data_3NVT
#
_entry.id   3NVT
#
_cell.length_a   111.570
_cell.length_b   111.787
_cell.length_c   81.049
_cell.angle_alpha   90.00
_cell.angle_beta   127.63
_cell.angle_gamma   90.00
#
_symmetry.space_group_name_H-M   'C 1 2 1'
#
loop_
_entity.id
_entity.type
_entity.pdbx_description
1 polymer '3-deoxy-D-arabino-heptulosonate 7-phosphate synthase'
2 non-polymer 'MANGANESE (II) ION'
3 non-polymer 'ACETATE ION'
4 water water
#
_entity_poly.entity_id   1
_entity_poly.type   'polypeptide(L)'
_entity_poly.pdbx_seq_one_letter_code
;MHHHHHHSSGVDLGTENLYFQSNAMVNTNLEELRTQVDQLNIDLLELISKRANLVQEIGKIKGTQGSLRFDPLREREMLN
TILAANEGPFEDSTVQKLFKEIFKAGLELQEEDHSKALLVSRKNKKEDTIVTVKGLPIGNGEPVFVFGPCSVESYEQVAA
VAESIKAKGLKLIRGGAFKPRTSPYDFQGLGLEGLKILKRVSDEYGLGVISEIVTPADIEVALDYVDVIQIGARNMQNFE
LLKAAGRVDKPILLKRGLSATIEEFIGAAEYIMSQGNGKIILCERGIRTYEKATRNTLDISAVPILKKETHLPVMVDVTH
STGRKDLLLPCAKAALAIEADGVMAEVHPDPAVALSDSAQQMDIPEFEEFWNAILASNLVPHKIK
;
_entity_poly.pdbx_strand_id   A,B
#
loop_
_chem_comp.id
_chem_comp.type
_chem_comp.name
_chem_comp.formula
ACT non-polymer 'ACETATE ION' 'C2 H3 O2 -1'
MN non-polymer 'MANGANESE (II) ION' 'Mn 2'
#
# COMPACT_ATOMS: atom_id res chain seq x y z
N GLU A 32 -8.57 -44.14 17.73
CA GLU A 32 -8.60 -44.89 19.03
C GLU A 32 -7.61 -44.28 20.01
N LEU A 33 -6.38 -44.08 19.54
CA LEU A 33 -5.30 -43.51 20.35
C LEU A 33 -5.26 -41.98 20.20
N ARG A 34 -5.89 -41.47 19.16
CA ARG A 34 -5.93 -40.04 18.91
C ARG A 34 -7.20 -39.39 19.50
N THR A 35 -7.86 -40.12 20.39
CA THR A 35 -9.01 -39.61 21.13
C THR A 35 -8.45 -39.04 22.44
N GLN A 36 -7.31 -39.58 22.84
CA GLN A 36 -6.62 -39.21 24.07
C GLN A 36 -5.81 -37.94 23.85
N VAL A 37 -5.30 -37.78 22.62
CA VAL A 37 -4.57 -36.57 22.23
C VAL A 37 -5.52 -35.39 22.29
N ASP A 38 -6.81 -35.71 22.42
CA ASP A 38 -7.86 -34.71 22.50
C ASP A 38 -7.89 -34.14 23.91
N GLN A 39 -7.49 -34.95 24.90
CA GLN A 39 -7.47 -34.48 26.28
C GLN A 39 -6.16 -33.76 26.62
N LEU A 40 -5.10 -34.01 25.85
CA LEU A 40 -3.84 -33.28 26.04
C LEU A 40 -4.06 -31.82 25.66
N ASN A 41 -5.16 -31.56 24.95
CA ASN A 41 -5.54 -30.22 24.56
C ASN A 41 -6.16 -29.49 25.75
N ILE A 42 -7.00 -30.20 26.51
CA ILE A 42 -7.63 -29.61 27.69
C ILE A 42 -6.58 -29.31 28.75
N ASP A 43 -5.51 -30.11 28.77
CA ASP A 43 -4.42 -29.91 29.73
C ASP A 43 -3.58 -28.68 29.39
N LEU A 44 -3.41 -28.42 28.09
CA LEU A 44 -2.67 -27.24 27.63
C LEU A 44 -3.40 -25.94 27.97
N LEU A 45 -4.71 -25.94 27.76
CA LEU A 45 -5.52 -24.76 28.07
C LEU A 45 -5.40 -24.43 29.56
N GLU A 46 -5.53 -25.45 30.41
CA GLU A 46 -5.43 -25.24 31.84
C GLU A 46 -4.06 -24.71 32.23
N LEU A 47 -3.02 -25.26 31.60
CA LEU A 47 -1.64 -24.88 31.90
C LEU A 47 -1.35 -23.46 31.40
N ILE A 48 -1.77 -23.16 30.18
CA ILE A 48 -1.58 -21.83 29.59
C ILE A 48 -2.30 -20.76 30.40
N SER A 49 -3.50 -21.09 30.86
CA SER A 49 -4.32 -20.18 31.64
C SER A 49 -3.74 -19.93 33.02
N LYS A 50 -3.28 -20.99 33.68
CA LYS A 50 -2.70 -20.86 35.02
C LYS A 50 -1.41 -20.05 34.98
N ARG A 51 -0.56 -20.34 34.01
CA ARG A 51 0.68 -19.62 33.85
C ARG A 51 0.38 -18.14 33.66
N ALA A 52 -0.53 -17.84 32.73
CA ALA A 52 -0.91 -16.46 32.41
C ALA A 52 -1.31 -15.71 33.67
N ASN A 53 -2.09 -16.39 34.53
CA ASN A 53 -2.52 -15.80 35.80
C ASN A 53 -1.33 -15.49 36.73
N LEU A 54 -0.40 -16.43 36.87
CA LEU A 54 0.78 -16.19 37.70
C LEU A 54 1.60 -15.01 37.19
N VAL A 55 1.83 -14.94 35.87
CA VAL A 55 2.62 -13.85 35.32
C VAL A 55 1.99 -12.49 35.63
N GLN A 56 0.67 -12.39 35.56
CA GLN A 56 0.02 -11.12 35.88
C GLN A 56 0.18 -10.85 37.38
N GLU A 57 0.23 -11.90 38.21
CA GLU A 57 0.44 -11.72 39.64
C GLU A 57 1.81 -11.10 39.89
N ILE A 58 2.82 -11.56 39.15
CA ILE A 58 4.16 -11.01 39.27
C ILE A 58 4.11 -9.53 38.93
N GLY A 59 3.30 -9.18 37.93
CA GLY A 59 3.11 -7.79 37.53
C GLY A 59 2.53 -6.95 38.66
N LYS A 60 1.60 -7.51 39.42
CA LYS A 60 1.01 -6.81 40.56
C LYS A 60 2.03 -6.62 41.69
N ILE A 61 2.68 -7.71 42.12
CA ILE A 61 3.66 -7.64 43.20
C ILE A 61 4.79 -6.63 42.90
N LYS A 62 5.13 -6.46 41.63
CA LYS A 62 6.14 -5.48 41.23
C LYS A 62 5.49 -4.14 40.96
N GLY A 63 5.15 -3.89 39.69
CA GLY A 63 4.53 -2.65 39.28
C GLY A 63 4.48 -2.52 37.76
N ARG A 69 4.71 -3.13 30.57
CA ARG A 69 6.17 -3.22 30.61
C ARG A 69 6.73 -4.29 29.68
N PHE A 70 7.95 -4.05 29.24
CA PHE A 70 8.66 -4.90 28.34
C PHE A 70 9.97 -5.31 29.00
N ASP A 71 10.26 -6.60 29.03
CA ASP A 71 11.50 -7.09 29.63
C ASP A 71 12.14 -8.14 28.74
N PRO A 72 12.91 -7.69 27.74
CA PRO A 72 13.58 -8.64 26.83
C PRO A 72 14.58 -9.58 27.52
N LEU A 73 15.20 -9.13 28.61
CA LEU A 73 16.17 -9.98 29.31
C LEU A 73 15.50 -11.18 29.93
N ARG A 74 14.40 -10.95 30.64
CA ARG A 74 13.64 -12.03 31.25
C ARG A 74 13.13 -12.99 30.16
N GLU A 75 12.72 -12.44 29.02
CA GLU A 75 12.24 -13.28 27.93
C GLU A 75 13.35 -14.22 27.44
N ARG A 76 14.55 -13.67 27.25
CA ARG A 76 15.67 -14.50 26.83
C ARG A 76 16.06 -15.52 27.92
N GLU A 77 16.04 -15.10 29.19
CA GLU A 77 16.36 -16.05 30.27
C GLU A 77 15.34 -17.19 30.26
N MET A 78 14.06 -16.88 30.11
CA MET A 78 13.05 -17.94 30.02
C MET A 78 13.32 -18.85 28.82
N LEU A 79 13.63 -18.25 27.67
CA LEU A 79 13.89 -19.03 26.44
C LEU A 79 15.11 -19.93 26.57
N ASN A 80 16.16 -19.48 27.26
CA ASN A 80 17.32 -20.33 27.46
C ASN A 80 16.98 -21.61 28.22
N THR A 81 16.18 -21.47 29.27
CA THR A 81 15.76 -22.59 30.09
C THR A 81 14.87 -23.55 29.32
N ILE A 82 13.91 -23.01 28.58
CA ILE A 82 13.01 -23.84 27.77
C ILE A 82 13.79 -24.61 26.70
N LEU A 83 14.64 -23.90 25.95
CA LEU A 83 15.41 -24.53 24.88
C LEU A 83 16.40 -25.59 25.40
N ALA A 84 16.98 -25.35 26.58
CA ALA A 84 17.91 -26.30 27.17
C ALA A 84 17.19 -27.61 27.52
N ALA A 85 15.89 -27.51 27.75
CA ALA A 85 15.07 -28.65 28.14
C ALA A 85 14.45 -29.40 26.95
N ASN A 86 14.55 -28.81 25.76
CA ASN A 86 13.98 -29.40 24.54
C ASN A 86 14.67 -30.71 24.14
N GLU A 87 13.93 -31.83 24.20
CA GLU A 87 14.44 -33.13 23.81
C GLU A 87 13.79 -33.56 22.50
N GLY A 88 13.10 -32.64 21.84
CA GLY A 88 12.39 -32.95 20.60
C GLY A 88 10.92 -33.24 20.90
N PRO A 89 10.13 -33.51 19.86
CA PRO A 89 10.55 -33.65 18.46
C PRO A 89 10.77 -32.34 17.70
N PHE A 90 10.31 -31.21 18.23
CA PHE A 90 10.49 -29.95 17.54
C PHE A 90 11.91 -29.43 17.65
N GLU A 91 12.35 -28.72 16.61
N GLU A 91 12.34 -28.72 16.62
CA GLU A 91 13.67 -28.11 16.63
CA GLU A 91 13.65 -28.08 16.61
C GLU A 91 13.58 -26.88 17.54
C GLU A 91 13.57 -26.89 17.56
N ASP A 92 14.70 -26.44 18.07
CA ASP A 92 14.74 -25.30 18.98
C ASP A 92 14.04 -24.05 18.41
N SER A 93 14.23 -23.77 17.12
CA SER A 93 13.62 -22.59 16.50
C SER A 93 12.10 -22.66 16.56
N THR A 94 11.53 -23.84 16.31
CA THR A 94 10.09 -24.00 16.35
C THR A 94 9.59 -23.78 17.77
N VAL A 95 10.28 -24.37 18.75
CA VAL A 95 9.89 -24.22 20.16
C VAL A 95 9.93 -22.73 20.56
N GLN A 96 10.99 -22.03 20.20
CA GLN A 96 11.11 -20.62 20.50
C GLN A 96 9.93 -19.81 19.94
N LYS A 97 9.54 -20.07 18.69
CA LYS A 97 8.42 -19.37 18.07
C LYS A 97 7.13 -19.57 18.85
N LEU A 98 6.85 -20.81 19.26
CA LEU A 98 5.62 -21.15 19.99
C LEU A 98 5.53 -20.43 21.34
N PHE A 99 6.64 -20.46 22.09
CA PHE A 99 6.67 -19.77 23.37
C PHE A 99 6.58 -18.25 23.23
N LYS A 100 7.21 -17.69 22.20
CA LYS A 100 7.07 -16.25 21.95
C LYS A 100 5.61 -15.87 21.81
N GLU A 101 4.86 -16.68 21.06
CA GLU A 101 3.42 -16.43 20.87
C GLU A 101 2.70 -16.48 22.21
N ILE A 102 3.08 -17.43 23.06
CA ILE A 102 2.46 -17.56 24.37
C ILE A 102 2.80 -16.32 25.19
N PHE A 103 4.06 -15.90 25.19
CA PHE A 103 4.45 -14.72 25.96
C PHE A 103 3.71 -13.49 25.42
N LYS A 104 3.66 -13.35 24.10
CA LYS A 104 3.01 -12.21 23.46
C LYS A 104 1.54 -12.11 23.90
N ALA A 105 0.84 -13.24 23.93
CA ALA A 105 -0.55 -13.27 24.36
C ALA A 105 -0.72 -12.65 25.74
N GLY A 106 0.21 -12.94 26.64
CA GLY A 106 0.15 -12.40 28.00
C GLY A 106 0.06 -10.88 28.09
N LEU A 107 0.68 -10.18 27.15
CA LEU A 107 0.67 -8.73 27.15
C LEU A 107 -0.71 -8.11 27.16
N GLU A 108 -1.65 -8.75 26.46
CA GLU A 108 -3.01 -8.19 26.35
C GLU A 108 -3.76 -8.23 27.68
N LEU A 109 -3.35 -9.11 28.57
CA LEU A 109 -3.97 -9.17 29.90
C LEU A 109 -3.64 -7.95 30.75
N GLN A 110 -2.54 -7.25 30.43
CA GLN A 110 -2.20 -6.06 31.19
C GLN A 110 -3.36 -5.08 31.16
N GLU A 111 -3.60 -4.41 32.29
CA GLU A 111 -4.69 -3.45 32.41
C GLU A 111 -4.58 -2.36 31.34
N GLU A 112 -3.39 -1.77 31.23
CA GLU A 112 -3.15 -0.66 30.30
C GLU A 112 -3.01 -1.03 28.83
N ASP A 113 -2.98 -2.33 28.51
CA ASP A 113 -2.87 -2.77 27.14
C ASP A 113 -4.28 -3.10 26.59
N HIS A 114 -4.72 -2.36 25.58
CA HIS A 114 -6.05 -2.58 25.01
C HIS A 114 -5.94 -3.08 23.56
N SER A 115 -4.82 -3.69 23.25
N SER A 115 -4.82 -3.70 23.24
CA SER A 115 -4.55 -4.21 21.91
CA SER A 115 -4.56 -4.21 21.90
C SER A 115 -5.65 -5.13 21.37
C SER A 115 -5.65 -5.14 21.37
N LYS A 116 -6.30 -5.88 22.26
CA LYS A 116 -7.33 -6.85 21.87
C LYS A 116 -8.75 -6.28 21.82
N ALA A 117 -8.94 -5.09 22.37
CA ALA A 117 -10.23 -4.42 22.36
C ALA A 117 -9.95 -2.95 22.55
N LEU A 118 -9.57 -2.30 21.45
CA LEU A 118 -9.21 -0.89 21.47
C LEU A 118 -10.33 -0.04 22.06
N LEU A 119 -9.93 0.99 22.81
CA LEU A 119 -10.87 1.89 23.46
C LEU A 119 -11.81 2.54 22.44
N VAL A 120 -11.32 2.79 21.22
CA VAL A 120 -12.16 3.37 20.20
C VAL A 120 -13.02 2.32 19.49
N SER A 121 -12.82 1.04 19.79
CA SER A 121 -13.55 -0.05 19.08
C SER A 121 -14.90 -0.37 19.71
N ARG A 122 -15.80 -0.91 18.89
CA ARG A 122 -17.12 -1.37 19.39
C ARG A 122 -16.96 -2.55 20.30
N LYS A 123 -15.82 -3.22 20.19
CA LYS A 123 -15.52 -4.36 21.04
C LYS A 123 -15.40 -3.84 22.48
N ASN A 124 -14.89 -2.63 22.64
CA ASN A 124 -14.77 -1.97 23.95
C ASN A 124 -16.09 -1.32 24.39
N LYS A 125 -16.72 -0.60 23.47
CA LYS A 125 -17.97 0.10 23.77
C LYS A 125 -18.90 -0.02 22.57
N LYS A 126 -20.00 -0.74 22.75
CA LYS A 126 -20.92 -1.07 21.67
C LYS A 126 -21.73 0.12 21.19
N GLU A 127 -22.07 1.02 22.10
CA GLU A 127 -22.90 2.18 21.78
C GLU A 127 -22.16 3.27 20.99
N ASP A 128 -22.88 3.91 20.07
CA ASP A 128 -22.30 5.00 19.29
C ASP A 128 -21.85 6.14 20.19
N THR A 129 -20.72 6.75 19.88
CA THR A 129 -20.30 7.94 20.60
C THR A 129 -20.97 9.16 19.97
N ILE A 130 -21.61 9.99 20.80
CA ILE A 130 -22.18 11.24 20.31
C ILE A 130 -21.24 12.38 20.75
N VAL A 131 -20.77 13.17 19.79
CA VAL A 131 -19.89 14.30 20.08
C VAL A 131 -20.70 15.59 19.88
N THR A 132 -21.05 16.25 20.98
CA THR A 132 -21.90 17.45 20.91
C THR A 132 -21.04 18.70 20.72
N VAL A 133 -21.34 19.45 19.67
CA VAL A 133 -20.62 20.68 19.35
C VAL A 133 -21.66 21.76 19.06
N LYS A 134 -21.64 22.84 19.84
CA LYS A 134 -22.63 23.91 19.67
C LYS A 134 -24.05 23.35 19.60
N GLY A 135 -24.38 22.50 20.58
CA GLY A 135 -25.69 21.90 20.63
C GLY A 135 -25.99 20.84 19.58
N LEU A 136 -25.06 20.58 18.66
CA LEU A 136 -25.34 19.54 17.66
C LEU A 136 -24.76 18.22 18.12
N PRO A 137 -25.59 17.18 18.25
CA PRO A 137 -25.08 15.88 18.68
C PRO A 137 -24.53 15.06 17.51
N ILE A 138 -23.29 15.35 17.12
CA ILE A 138 -22.66 14.66 15.99
C ILE A 138 -22.53 13.16 16.25
N GLY A 139 -23.10 12.37 15.34
CA GLY A 139 -23.09 10.93 15.50
C GLY A 139 -24.45 10.38 15.91
N ASN A 140 -25.46 11.23 16.10
CA ASN A 140 -26.77 10.70 16.52
C ASN A 140 -27.68 10.16 15.40
N GLY A 141 -27.23 10.19 14.15
CA GLY A 141 -28.03 9.72 13.03
C GLY A 141 -28.44 10.84 12.08
N GLU A 142 -28.35 12.08 12.54
N GLU A 142 -28.35 12.09 12.53
CA GLU A 142 -28.65 13.22 11.69
CA GLU A 142 -28.67 13.25 11.72
C GLU A 142 -27.34 13.86 11.22
C GLU A 142 -27.36 13.90 11.22
N PRO A 143 -27.09 13.82 9.91
CA PRO A 143 -25.83 14.36 9.38
C PRO A 143 -25.65 15.85 9.58
N VAL A 144 -24.41 16.27 9.84
CA VAL A 144 -24.13 17.68 9.99
C VAL A 144 -23.25 18.14 8.84
N PHE A 145 -23.31 19.43 8.54
CA PHE A 145 -22.51 19.99 7.46
C PHE A 145 -21.57 21.05 8.00
N VAL A 146 -20.33 20.99 7.55
CA VAL A 146 -19.32 21.95 7.95
C VAL A 146 -18.76 22.68 6.72
N PHE A 147 -19.11 23.96 6.59
CA PHE A 147 -18.60 24.77 5.50
C PHE A 147 -17.65 25.84 6.00
N GLY A 148 -16.87 26.42 5.09
CA GLY A 148 -15.96 27.49 5.47
C GLY A 148 -14.80 27.61 4.51
N PRO A 149 -14.02 28.69 4.61
CA PRO A 149 -12.91 28.88 3.69
C PRO A 149 -11.74 27.95 3.99
N CYS A 150 -10.92 27.67 2.99
CA CYS A 150 -9.75 26.85 3.20
C CYS A 150 -8.83 27.54 4.21
N SER A 151 -8.51 28.81 3.94
CA SER A 151 -7.67 29.64 4.79
C SER A 151 -8.40 30.88 5.31
N VAL A 152 -8.11 31.25 6.56
CA VAL A 152 -8.61 32.50 7.13
C VAL A 152 -7.71 33.60 6.58
N GLU A 153 -8.30 34.54 5.85
CA GLU A 153 -7.54 35.58 5.18
C GLU A 153 -7.81 36.97 5.78
N SER A 154 -9.04 37.21 6.20
CA SER A 154 -9.38 38.49 6.85
C SER A 154 -10.71 38.35 7.57
N TYR A 155 -11.02 39.32 8.43
CA TYR A 155 -12.29 39.33 9.11
C TYR A 155 -13.45 39.36 8.10
N GLU A 156 -13.36 40.24 7.11
CA GLU A 156 -14.44 40.40 6.14
C GLU A 156 -14.68 39.12 5.33
N GLN A 157 -13.60 38.44 4.96
CA GLN A 157 -13.71 37.22 4.16
C GLN A 157 -14.42 36.11 4.93
N VAL A 158 -14.07 35.94 6.20
CA VAL A 158 -14.69 34.90 7.02
C VAL A 158 -16.13 35.27 7.35
N ALA A 159 -16.38 36.55 7.62
CA ALA A 159 -17.72 37.03 7.93
C ALA A 159 -18.70 36.79 6.79
N ALA A 160 -18.24 36.99 5.55
CA ALA A 160 -19.08 36.78 4.37
C ALA A 160 -19.53 35.32 4.29
N VAL A 161 -18.62 34.40 4.58
CA VAL A 161 -18.97 32.99 4.60
C VAL A 161 -19.90 32.66 5.78
N ALA A 162 -19.56 33.15 6.97
CA ALA A 162 -20.41 32.92 8.16
C ALA A 162 -21.85 33.41 7.95
N GLU A 163 -22.00 34.54 7.26
CA GLU A 163 -23.32 35.08 6.97
C GLU A 163 -24.14 34.11 6.11
N SER A 164 -23.51 33.51 5.11
N SER A 164 -23.49 33.51 5.11
CA SER A 164 -24.22 32.57 4.25
CA SER A 164 -24.16 32.55 4.22
C SER A 164 -24.53 31.26 4.98
C SER A 164 -24.49 31.23 4.93
N ILE A 165 -23.64 30.85 5.87
CA ILE A 165 -23.86 29.64 6.67
C ILE A 165 -25.04 29.85 7.61
N LYS A 166 -25.04 30.96 8.34
CA LYS A 166 -26.12 31.31 9.27
C LYS A 166 -27.46 31.43 8.52
N ALA A 167 -27.42 32.01 7.33
CA ALA A 167 -28.63 32.17 6.54
C ALA A 167 -29.27 30.82 6.23
N LYS A 168 -28.49 29.75 6.19
CA LYS A 168 -29.06 28.44 5.89
C LYS A 168 -29.48 27.68 7.16
N GLY A 169 -29.30 28.30 8.33
CA GLY A 169 -29.66 27.66 9.60
C GLY A 169 -28.60 26.70 10.08
N LEU A 170 -27.41 26.75 9.47
CA LEU A 170 -26.32 25.85 9.83
C LEU A 170 -25.60 26.44 11.05
N LYS A 171 -24.83 25.61 11.74
CA LYS A 171 -24.24 26.01 13.03
C LYS A 171 -22.75 25.82 13.21
N LEU A 172 -22.03 25.37 12.20
CA LEU A 172 -20.59 25.15 12.31
C LEU A 172 -19.87 25.87 11.19
N ILE A 173 -18.62 26.23 11.44
CA ILE A 173 -17.75 26.83 10.43
C ILE A 173 -16.33 26.30 10.60
N ARG A 174 -15.65 26.06 9.49
N ARG A 174 -15.67 26.05 9.47
CA ARG A 174 -14.27 25.60 9.51
CA ARG A 174 -14.29 25.61 9.43
C ARG A 174 -13.44 26.68 8.83
C ARG A 174 -13.46 26.77 8.89
N GLY A 175 -12.20 26.85 9.28
CA GLY A 175 -11.33 27.88 8.73
C GLY A 175 -9.93 27.60 9.17
N GLY A 176 -8.99 27.66 8.22
CA GLY A 176 -7.58 27.39 8.50
C GLY A 176 -6.72 28.60 8.88
N ALA A 177 -6.28 28.60 10.13
CA ALA A 177 -5.36 29.62 10.65
C ALA A 177 -3.93 29.12 10.45
N PHE A 178 -3.76 27.81 10.54
CA PHE A 178 -2.46 27.17 10.32
C PHE A 178 -2.67 26.23 9.14
N LYS A 179 -1.90 26.46 8.08
CA LYS A 179 -2.07 25.71 6.85
C LYS A 179 -0.80 24.92 6.55
N PRO A 180 -0.92 23.59 6.55
CA PRO A 180 0.19 22.72 6.16
C PRO A 180 0.41 22.84 4.64
N ARG A 181 1.58 23.31 4.22
CA ARG A 181 1.86 23.47 2.78
C ARG A 181 3.08 22.65 2.35
N THR A 182 3.02 22.12 1.13
CA THR A 182 4.11 21.37 0.58
C THR A 182 5.40 22.16 0.54
N SER A 183 5.29 23.44 0.20
CA SER A 183 6.45 24.35 0.13
C SER A 183 6.45 25.37 1.27
N PRO A 184 7.62 25.62 1.88
CA PRO A 184 7.66 26.61 2.96
C PRO A 184 7.37 28.02 2.47
N TYR A 185 7.41 28.24 1.15
CA TYR A 185 7.19 29.58 0.62
C TYR A 185 5.73 29.84 0.26
N ASP A 186 4.86 28.86 0.45
CA ASP A 186 3.45 29.10 0.24
C ASP A 186 2.83 29.64 1.53
N PHE A 187 1.67 30.28 1.43
CA PHE A 187 0.99 30.87 2.60
C PHE A 187 0.76 29.85 3.73
N GLN A 188 1.36 30.15 4.89
CA GLN A 188 1.36 29.24 6.05
C GLN A 188 0.16 29.43 7.00
N GLY A 189 -0.64 30.46 6.71
CA GLY A 189 -1.77 30.83 7.55
C GLY A 189 -1.41 32.01 8.44
N LEU A 190 -2.42 32.70 8.96
CA LEU A 190 -2.20 33.85 9.83
C LEU A 190 -1.83 33.47 11.26
N GLY A 191 -1.93 32.20 11.62
CA GLY A 191 -1.60 31.77 12.99
C GLY A 191 -2.61 32.25 14.03
N LEU A 192 -2.12 32.60 15.22
CA LEU A 192 -2.98 33.05 16.30
C LEU A 192 -3.98 34.10 15.82
N GLU A 193 -3.53 35.05 15.01
N GLU A 193 -3.52 35.05 15.01
CA GLU A 193 -4.44 36.10 14.55
CA GLU A 193 -4.38 36.09 14.47
C GLU A 193 -5.61 35.50 13.76
C GLU A 193 -5.60 35.48 13.79
N GLY A 194 -5.36 34.42 13.02
CA GLY A 194 -6.43 33.75 12.31
C GLY A 194 -7.45 33.17 13.27
N LEU A 195 -6.99 32.57 14.36
CA LEU A 195 -7.89 32.02 15.40
C LEU A 195 -8.71 33.13 16.07
N LYS A 196 -8.08 34.29 16.28
CA LYS A 196 -8.81 35.41 16.90
C LYS A 196 -9.91 35.89 15.99
N ILE A 197 -9.63 35.94 14.70
CA ILE A 197 -10.63 36.33 13.70
C ILE A 197 -11.79 35.35 13.73
N LEU A 198 -11.47 34.07 13.73
CA LEU A 198 -12.49 33.02 13.75
C LEU A 198 -13.39 33.13 14.95
N LYS A 199 -12.80 33.38 16.12
CA LYS A 199 -13.59 33.56 17.34
C LYS A 199 -14.54 34.75 17.25
N ARG A 200 -14.02 35.89 16.78
N ARG A 200 -14.03 35.89 16.78
CA ARG A 200 -14.82 37.11 16.61
CA ARG A 200 -14.85 37.10 16.65
C ARG A 200 -16.03 36.86 15.70
C ARG A 200 -16.03 36.88 15.70
N VAL A 201 -15.77 36.28 14.54
CA VAL A 201 -16.84 36.02 13.59
C VAL A 201 -17.84 35.03 14.16
N SER A 202 -17.34 33.94 14.72
N SER A 202 -17.34 33.95 14.73
CA SER A 202 -18.21 32.92 15.28
CA SER A 202 -18.21 32.93 15.27
C SER A 202 -19.07 33.42 16.43
C SER A 202 -19.05 33.39 16.46
N ASP A 203 -18.50 34.23 17.31
CA ASP A 203 -19.25 34.77 18.45
C ASP A 203 -20.41 35.63 17.96
N GLU A 204 -20.22 36.32 16.83
CA GLU A 204 -21.28 37.17 16.32
C GLU A 204 -22.33 36.42 15.53
N TYR A 205 -21.92 35.43 14.76
CA TYR A 205 -22.85 34.71 13.90
C TYR A 205 -23.37 33.39 14.53
N GLY A 206 -22.97 33.11 15.76
CA GLY A 206 -23.41 31.93 16.50
C GLY A 206 -22.99 30.58 15.95
N LEU A 207 -21.77 30.49 15.44
CA LEU A 207 -21.28 29.26 14.84
C LEU A 207 -20.21 28.63 15.69
N GLY A 208 -20.07 27.31 15.62
CA GLY A 208 -19.01 26.60 16.33
C GLY A 208 -17.81 26.55 15.41
N VAL A 209 -16.63 26.69 15.97
CA VAL A 209 -15.42 26.75 15.17
C VAL A 209 -14.61 25.47 15.14
N ILE A 210 -14.29 25.03 13.94
CA ILE A 210 -13.40 23.90 13.71
C ILE A 210 -12.16 24.47 13.04
N SER A 211 -10.98 24.26 13.61
CA SER A 211 -9.75 24.76 12.99
C SER A 211 -8.56 23.85 13.34
N GLU A 212 -7.61 23.76 12.42
CA GLU A 212 -6.46 22.88 12.57
C GLU A 212 -5.37 23.41 13.48
N ILE A 213 -4.88 22.54 14.35
CA ILE A 213 -3.75 22.86 15.22
C ILE A 213 -2.61 21.96 14.77
N VAL A 214 -1.41 22.52 14.61
CA VAL A 214 -0.31 21.79 13.98
C VAL A 214 0.88 21.39 14.86
N THR A 215 0.87 21.76 16.14
CA THR A 215 1.97 21.35 17.01
C THR A 215 1.46 21.31 18.47
N PRO A 216 2.05 20.40 19.30
CA PRO A 216 1.57 20.19 20.69
C PRO A 216 1.50 21.47 21.52
N ALA A 217 2.49 22.34 21.37
CA ALA A 217 2.50 23.57 22.17
C ALA A 217 1.30 24.48 21.88
N ASP A 218 0.67 24.33 20.71
CA ASP A 218 -0.47 25.20 20.34
C ASP A 218 -1.83 24.70 20.82
N ILE A 219 -1.91 23.47 21.31
CA ILE A 219 -3.18 22.91 21.78
C ILE A 219 -3.81 23.72 22.92
N GLU A 220 -3.00 24.09 23.92
CA GLU A 220 -3.48 24.81 25.10
C GLU A 220 -4.10 26.16 24.71
N VAL A 221 -3.43 26.89 23.83
CA VAL A 221 -3.89 28.20 23.38
C VAL A 221 -5.19 28.09 22.58
N ALA A 222 -5.29 27.04 21.78
CA ALA A 222 -6.44 26.80 20.91
C ALA A 222 -7.74 26.63 21.67
N LEU A 223 -7.68 26.15 22.91
CA LEU A 223 -8.87 25.87 23.70
C LEU A 223 -9.80 27.09 23.87
N ASP A 224 -9.21 28.28 23.88
CA ASP A 224 -9.97 29.50 24.03
C ASP A 224 -10.55 30.04 22.72
N TYR A 225 -10.18 29.46 21.59
CA TYR A 225 -10.64 29.96 20.31
C TYR A 225 -11.45 28.97 19.48
N VAL A 226 -11.27 27.66 19.67
CA VAL A 226 -11.99 26.72 18.84
C VAL A 226 -12.97 25.86 19.62
N ASP A 227 -13.93 25.29 18.91
CA ASP A 227 -14.90 24.37 19.49
C ASP A 227 -14.51 22.93 19.14
N VAL A 228 -13.76 22.78 18.05
CA VAL A 228 -13.24 21.48 17.64
C VAL A 228 -11.84 21.70 17.11
N ILE A 229 -10.89 20.92 17.63
CA ILE A 229 -9.51 20.96 17.17
C ILE A 229 -9.34 19.93 16.05
N GLN A 230 -8.89 20.39 14.89
CA GLN A 230 -8.63 19.50 13.77
C GLN A 230 -7.16 19.09 13.70
N ILE A 231 -6.94 17.78 13.51
CA ILE A 231 -5.59 17.26 13.28
C ILE A 231 -5.60 16.84 11.80
N GLY A 232 -4.76 17.51 11.01
CA GLY A 232 -4.69 17.32 9.58
C GLY A 232 -4.06 16.02 9.14
N ALA A 233 -4.32 15.68 7.88
CA ALA A 233 -3.85 14.44 7.28
C ALA A 233 -2.35 14.22 7.45
N ARG A 234 -1.57 15.27 7.20
CA ARG A 234 -0.11 15.18 7.30
C ARG A 234 0.38 14.99 8.73
N ASN A 235 -0.48 15.28 9.70
CA ASN A 235 -0.14 15.05 11.13
C ASN A 235 -0.86 13.86 11.77
N MET A 236 -1.49 13.00 10.95
CA MET A 236 -2.23 11.86 11.53
C MET A 236 -1.30 10.96 12.34
N GLN A 237 -0.02 10.90 11.96
CA GLN A 237 0.95 10.10 12.74
C GLN A 237 2.04 10.96 13.44
N ASN A 238 1.65 12.18 13.78
CA ASN A 238 2.42 13.08 14.64
C ASN A 238 1.94 12.70 16.04
N PHE A 239 2.53 11.64 16.59
CA PHE A 239 2.04 11.04 17.82
C PHE A 239 2.04 11.95 19.06
N GLU A 240 3.05 12.79 19.19
N GLU A 240 3.04 12.81 19.16
CA GLU A 240 3.08 13.69 20.34
CA GLU A 240 3.11 13.72 20.28
C GLU A 240 1.93 14.72 20.23
C GLU A 240 1.93 14.70 20.21
N LEU A 241 1.54 15.06 18.99
CA LEU A 241 0.40 15.96 18.80
C LEU A 241 -0.91 15.24 19.19
N LEU A 242 -1.00 13.96 18.82
CA LEU A 242 -2.18 13.16 19.17
C LEU A 242 -2.30 13.02 20.68
N LYS A 243 -1.21 12.70 21.35
CA LYS A 243 -1.22 12.56 22.81
C LYS A 243 -1.62 13.87 23.47
N ALA A 244 -1.11 14.99 22.96
CA ALA A 244 -1.45 16.31 23.50
C ALA A 244 -2.95 16.57 23.37
N ALA A 245 -3.52 16.22 22.22
CA ALA A 245 -4.95 16.39 22.00
C ALA A 245 -5.76 15.45 22.90
N GLY A 246 -5.17 14.33 23.27
CA GLY A 246 -5.82 13.36 24.15
C GLY A 246 -5.88 13.77 25.62
N ARG A 247 -5.04 14.74 25.99
CA ARG A 247 -4.97 15.25 27.36
C ARG A 247 -5.84 16.47 27.65
N VAL A 248 -6.61 16.97 26.69
CA VAL A 248 -7.49 18.13 26.89
C VAL A 248 -8.96 17.73 26.68
N ASP A 249 -9.88 18.52 27.21
CA ASP A 249 -11.30 18.23 27.09
C ASP A 249 -11.87 19.10 25.99
N LYS A 250 -11.78 18.60 24.76
CA LYS A 250 -12.21 19.34 23.59
C LYS A 250 -12.34 18.31 22.46
N PRO A 251 -13.45 18.38 21.69
CA PRO A 251 -13.65 17.50 20.56
C PRO A 251 -12.47 17.63 19.57
N ILE A 252 -12.05 16.51 19.00
CA ILE A 252 -10.97 16.47 18.04
C ILE A 252 -11.52 15.90 16.73
N LEU A 253 -11.20 16.55 15.61
CA LEU A 253 -11.54 16.04 14.29
C LEU A 253 -10.24 15.51 13.69
N LEU A 254 -10.13 14.19 13.61
CA LEU A 254 -8.91 13.55 13.12
C LEU A 254 -9.06 13.15 11.65
N LYS A 255 -8.26 13.78 10.79
CA LYS A 255 -8.26 13.48 9.37
C LYS A 255 -7.37 12.28 9.05
N ARG A 256 -7.82 11.44 8.12
CA ARG A 256 -7.03 10.27 7.74
C ARG A 256 -5.78 10.69 6.98
N GLY A 257 -4.66 10.03 7.28
CA GLY A 257 -3.39 10.33 6.62
C GLY A 257 -3.46 10.08 5.13
N LEU A 258 -2.58 10.75 4.39
CA LEU A 258 -2.56 10.70 2.92
C LEU A 258 -2.60 9.28 2.39
N SER A 259 -1.83 8.39 3.02
N SER A 259 -1.85 8.38 3.02
CA SER A 259 -1.83 6.97 2.65
CA SER A 259 -1.84 6.97 2.65
C SER A 259 -1.99 6.07 3.88
C SER A 259 -1.98 6.08 3.89
N ALA A 260 -2.75 6.53 4.87
CA ALA A 260 -2.98 5.72 6.07
C ALA A 260 -3.92 4.56 5.79
N THR A 261 -3.62 3.41 6.36
CA THR A 261 -4.50 2.26 6.30
C THR A 261 -5.56 2.51 7.35
N ILE A 262 -6.67 1.79 7.25
CA ILE A 262 -7.74 1.87 8.24
C ILE A 262 -7.19 1.51 9.62
N GLU A 263 -6.39 0.46 9.68
CA GLU A 263 -5.74 0.08 10.95
C GLU A 263 -4.92 1.23 11.54
N GLU A 264 -4.13 1.91 10.71
CA GLU A 264 -3.32 3.04 11.22
C GLU A 264 -4.21 4.20 11.71
N PHE A 265 -5.31 4.44 11.00
CA PHE A 265 -6.25 5.53 11.30
C PHE A 265 -6.90 5.26 12.66
N ILE A 266 -7.32 4.02 12.85
CA ILE A 266 -7.90 3.60 14.13
C ILE A 266 -6.85 3.69 15.21
N GLY A 267 -5.61 3.34 14.89
CA GLY A 267 -4.52 3.40 15.87
C GLY A 267 -4.25 4.82 16.33
N ALA A 268 -4.30 5.75 15.37
CA ALA A 268 -4.10 7.16 15.69
C ALA A 268 -5.22 7.65 16.61
N ALA A 269 -6.46 7.26 16.33
CA ALA A 269 -7.56 7.65 17.21
C ALA A 269 -7.28 7.07 18.61
N GLU A 270 -6.76 5.86 18.69
CA GLU A 270 -6.46 5.26 20.00
C GLU A 270 -5.39 6.05 20.80
N TYR A 271 -4.42 6.67 20.12
CA TYR A 271 -3.45 7.50 20.83
C TYR A 271 -4.19 8.61 21.55
N ILE A 272 -5.19 9.19 20.90
CA ILE A 272 -5.93 10.28 21.53
C ILE A 272 -6.72 9.73 22.71
N MET A 273 -7.53 8.70 22.45
CA MET A 273 -8.40 8.17 23.50
C MET A 273 -7.66 7.55 24.69
N SER A 274 -6.49 6.98 24.46
CA SER A 274 -5.71 6.38 25.54
C SER A 274 -5.19 7.43 26.56
N GLN A 275 -5.22 8.72 26.19
CA GLN A 275 -4.83 9.77 27.13
C GLN A 275 -6.03 10.29 27.93
N GLY A 276 -7.24 9.87 27.55
CA GLY A 276 -8.44 10.26 28.27
C GLY A 276 -9.55 10.91 27.44
N ASN A 277 -9.21 11.49 26.30
CA ASN A 277 -10.20 12.21 25.50
C ASN A 277 -10.89 11.30 24.49
N GLY A 278 -12.16 10.99 24.74
CA GLY A 278 -12.93 10.15 23.81
C GLY A 278 -13.81 10.91 22.82
N LYS A 279 -13.72 12.23 22.82
CA LYS A 279 -14.54 13.09 21.95
C LYS A 279 -13.83 13.25 20.61
N ILE A 280 -13.89 12.18 19.80
CA ILE A 280 -13.17 12.14 18.54
C ILE A 280 -14.11 11.91 17.36
N ILE A 281 -13.93 12.73 16.33
CA ILE A 281 -14.68 12.59 15.08
C ILE A 281 -13.67 12.21 14.00
N LEU A 282 -13.91 11.12 13.30
CA LEU A 282 -13.00 10.70 12.25
C LEU A 282 -13.41 11.35 10.95
N CYS A 283 -12.44 11.72 10.10
CA CYS A 283 -12.78 12.33 8.84
C CYS A 283 -12.04 11.68 7.67
N GLU A 284 -12.81 11.08 6.77
CA GLU A 284 -12.31 10.54 5.49
C GLU A 284 -12.12 11.73 4.54
N ARG A 285 -10.96 11.78 3.91
CA ARG A 285 -10.65 12.89 3.01
C ARG A 285 -9.86 12.46 1.76
N GLY A 286 -10.03 11.21 1.35
CA GLY A 286 -9.34 10.66 0.18
C GLY A 286 -7.97 10.08 0.50
N ILE A 287 -7.53 9.15 -0.30
CA ILE A 287 -6.23 8.54 -0.11
C ILE A 287 -5.45 8.71 -1.39
N ARG A 288 -4.13 8.64 -1.25
CA ARG A 288 -3.26 8.82 -2.39
C ARG A 288 -3.14 7.57 -3.24
N THR A 289 -3.39 7.73 -4.54
CA THR A 289 -3.29 6.62 -5.47
C THR A 289 -2.61 7.11 -6.74
N TYR A 290 -2.46 6.19 -7.69
CA TYR A 290 -1.87 6.52 -8.99
C TYR A 290 -2.79 7.42 -9.85
N GLU A 291 -4.08 7.54 -9.51
CA GLU A 291 -5.02 8.30 -10.37
C GLU A 291 -4.79 9.80 -10.39
N LYS A 292 -4.76 10.37 -11.60
CA LYS A 292 -4.51 11.80 -11.78
C LYS A 292 -5.76 12.62 -12.10
N ALA A 293 -6.89 11.98 -12.37
CA ALA A 293 -8.13 12.68 -12.65
C ALA A 293 -8.68 13.41 -11.40
N THR A 294 -8.19 13.00 -10.24
CA THR A 294 -8.59 13.60 -8.97
C THR A 294 -7.32 13.82 -8.18
N ARG A 295 -7.39 14.73 -7.20
CA ARG A 295 -6.24 15.00 -6.34
C ARG A 295 -5.93 13.78 -5.49
N ASN A 296 -6.96 13.23 -4.88
CA ASN A 296 -6.89 12.02 -4.08
C ASN A 296 -8.06 11.13 -4.51
N THR A 297 -8.10 9.90 -4.04
CA THR A 297 -9.21 9.00 -4.36
C THR A 297 -10.09 8.90 -3.11
N LEU A 298 -11.31 9.41 -3.20
CA LEU A 298 -12.25 9.31 -2.08
C LEU A 298 -12.52 7.84 -1.84
N ASP A 299 -12.29 7.39 -0.60
CA ASP A 299 -12.47 5.98 -0.25
C ASP A 299 -13.78 5.89 0.52
N ILE A 300 -14.86 5.84 -0.23
CA ILE A 300 -16.19 5.87 0.36
C ILE A 300 -16.42 4.66 1.28
N SER A 301 -15.80 3.52 0.96
CA SER A 301 -15.97 2.29 1.77
C SER A 301 -15.45 2.45 3.21
N ALA A 302 -14.56 3.42 3.43
CA ALA A 302 -14.03 3.66 4.76
C ALA A 302 -15.12 4.04 5.75
N VAL A 303 -16.16 4.71 5.27
CA VAL A 303 -17.23 5.12 6.16
C VAL A 303 -17.93 3.91 6.85
N PRO A 304 -18.50 2.98 6.08
CA PRO A 304 -19.14 1.85 6.74
C PRO A 304 -18.13 0.95 7.47
N ILE A 305 -16.88 0.88 7.01
CA ILE A 305 -15.85 0.10 7.71
C ILE A 305 -15.58 0.67 9.11
N LEU A 306 -15.36 1.97 9.16
CA LEU A 306 -15.09 2.67 10.42
C LEU A 306 -16.32 2.66 11.33
N LYS A 307 -17.53 2.80 10.79
CA LYS A 307 -18.74 2.80 11.61
C LYS A 307 -19.04 1.40 12.20
N LYS A 308 -18.52 0.37 11.56
CA LYS A 308 -18.69 -0.99 12.05
C LYS A 308 -17.62 -1.30 13.11
N GLU A 309 -16.38 -0.93 12.82
N GLU A 309 -16.37 -0.97 12.84
CA GLU A 309 -15.25 -1.24 13.70
CA GLU A 309 -15.28 -1.30 13.78
C GLU A 309 -15.16 -0.37 14.95
C GLU A 309 -15.17 -0.37 14.99
N THR A 310 -15.46 0.92 14.80
CA THR A 310 -15.38 1.86 15.91
C THR A 310 -16.75 2.41 16.28
N HIS A 311 -16.81 3.05 17.46
CA HIS A 311 -18.03 3.72 17.90
C HIS A 311 -17.98 5.24 17.62
N LEU A 312 -16.97 5.70 16.88
CA LEU A 312 -16.77 7.12 16.63
C LEU A 312 -17.50 7.61 15.39
N PRO A 313 -17.98 8.86 15.42
CA PRO A 313 -18.65 9.39 14.23
C PRO A 313 -17.66 9.60 13.10
N VAL A 314 -18.14 9.52 11.87
CA VAL A 314 -17.27 9.63 10.73
C VAL A 314 -17.80 10.64 9.72
N MET A 315 -16.97 11.62 9.38
CA MET A 315 -17.36 12.61 8.40
C MET A 315 -16.58 12.41 7.10
N VAL A 316 -17.04 13.07 6.04
CA VAL A 316 -16.36 13.05 4.75
C VAL A 316 -16.10 14.47 4.28
N ASP A 317 -14.84 14.74 3.94
CA ASP A 317 -14.41 16.03 3.37
C ASP A 317 -14.40 15.84 1.85
N VAL A 318 -15.40 16.40 1.17
CA VAL A 318 -15.55 16.25 -0.28
C VAL A 318 -14.63 17.19 -1.08
N THR A 319 -14.13 18.25 -0.44
CA THR A 319 -13.27 19.21 -1.15
C THR A 319 -11.85 18.71 -1.29
N HIS A 320 -11.27 18.29 -0.18
CA HIS A 320 -9.88 17.85 -0.19
C HIS A 320 -9.65 16.45 -0.72
N SER A 321 -10.71 15.65 -0.81
CA SER A 321 -10.56 14.32 -1.35
C SER A 321 -10.47 14.42 -2.88
N THR A 322 -11.50 14.93 -3.52
CA THR A 322 -11.55 15.02 -4.98
C THR A 322 -10.71 16.14 -5.57
N GLY A 323 -10.61 17.25 -4.86
CA GLY A 323 -9.91 18.40 -5.38
C GLY A 323 -10.60 18.98 -6.60
N ARG A 324 -11.89 18.65 -6.79
CA ARG A 324 -12.62 19.14 -7.96
C ARG A 324 -13.99 19.69 -7.65
N LYS A 325 -14.23 20.92 -8.07
CA LYS A 325 -15.52 21.55 -7.77
C LYS A 325 -16.71 20.79 -8.35
N ASP A 326 -16.57 20.25 -9.55
CA ASP A 326 -17.68 19.53 -10.19
C ASP A 326 -18.03 18.19 -9.54
N LEU A 327 -17.22 17.74 -8.60
CA LEU A 327 -17.52 16.49 -7.91
C LEU A 327 -18.03 16.66 -6.49
N LEU A 328 -18.10 17.89 -5.99
CA LEU A 328 -18.51 18.13 -4.59
C LEU A 328 -19.91 17.60 -4.30
N LEU A 329 -20.87 17.92 -5.15
CA LEU A 329 -22.25 17.51 -4.92
C LEU A 329 -22.45 16.00 -5.06
N PRO A 330 -21.98 15.40 -6.17
CA PRO A 330 -22.10 13.94 -6.27
C PRO A 330 -21.45 13.22 -5.09
N CYS A 331 -20.24 13.63 -4.72
CA CYS A 331 -19.56 13.00 -3.59
C CYS A 331 -20.28 13.22 -2.26
N ALA A 332 -20.87 14.41 -2.07
CA ALA A 332 -21.66 14.70 -0.88
C ALA A 332 -22.88 13.77 -0.82
N LYS A 333 -23.54 13.56 -1.95
CA LYS A 333 -24.70 12.66 -2.01
C LYS A 333 -24.33 11.21 -1.65
N ALA A 334 -23.20 10.74 -2.18
CA ALA A 334 -22.69 9.41 -1.87
C ALA A 334 -22.41 9.28 -0.38
N ALA A 335 -21.79 10.33 0.19
CA ALA A 335 -21.46 10.33 1.61
C ALA A 335 -22.71 10.21 2.48
N LEU A 336 -23.73 10.98 2.18
CA LEU A 336 -24.96 10.94 2.96
C LEU A 336 -25.67 9.60 2.82
N ALA A 337 -25.73 9.06 1.60
CA ALA A 337 -26.42 7.79 1.36
C ALA A 337 -25.72 6.63 2.07
N ILE A 338 -24.40 6.71 2.22
CA ILE A 338 -23.65 5.67 2.89
C ILE A 338 -23.65 5.88 4.41
N GLU A 339 -24.43 6.88 4.85
CA GLU A 339 -24.66 7.15 6.26
C GLU A 339 -23.52 7.80 7.03
N ALA A 340 -22.76 8.66 6.35
CA ALA A 340 -21.73 9.43 7.01
C ALA A 340 -22.44 10.32 8.04
N ASP A 341 -21.74 10.63 9.12
CA ASP A 341 -22.26 11.49 10.18
C ASP A 341 -22.15 12.96 9.79
N GLY A 342 -21.39 13.25 8.74
CA GLY A 342 -21.32 14.61 8.26
C GLY A 342 -20.52 14.78 7.00
N VAL A 343 -20.64 15.98 6.42
CA VAL A 343 -19.94 16.38 5.21
C VAL A 343 -19.27 17.72 5.38
N MET A 344 -18.06 17.87 4.85
N MET A 344 -18.05 17.85 4.88
CA MET A 344 -17.32 19.12 4.92
CA MET A 344 -17.27 19.09 4.93
C MET A 344 -16.98 19.54 3.51
C MET A 344 -16.92 19.55 3.53
N ALA A 345 -17.18 20.83 3.24
CA ALA A 345 -16.84 21.42 1.94
C ALA A 345 -16.42 22.88 2.13
N GLU A 346 -15.64 23.39 1.19
CA GLU A 346 -15.12 24.74 1.29
C GLU A 346 -15.85 25.79 0.47
N VAL A 347 -16.04 26.93 1.10
CA VAL A 347 -16.75 28.08 0.55
C VAL A 347 -15.91 29.34 0.80
N HIS A 348 -15.77 30.18 -0.23
CA HIS A 348 -14.96 31.40 -0.16
C HIS A 348 -15.67 32.49 -0.96
N PRO A 349 -15.75 33.73 -0.43
CA PRO A 349 -16.48 34.78 -1.17
C PRO A 349 -15.90 35.16 -2.53
N ASP A 350 -14.60 34.95 -2.72
CA ASP A 350 -13.95 35.30 -3.98
C ASP A 350 -12.81 34.30 -4.22
N PRO A 351 -13.15 33.07 -4.63
CA PRO A 351 -12.14 32.01 -4.76
C PRO A 351 -10.92 32.40 -5.60
N ALA A 352 -11.13 33.22 -6.62
CA ALA A 352 -10.03 33.67 -7.48
C ALA A 352 -8.83 34.23 -6.71
N VAL A 353 -9.07 34.92 -5.59
CA VAL A 353 -7.98 35.55 -4.84
C VAL A 353 -7.52 34.75 -3.62
N ALA A 354 -8.13 33.60 -3.39
CA ALA A 354 -7.81 32.77 -2.24
C ALA A 354 -6.35 32.36 -2.19
N LEU A 355 -5.81 32.25 -0.98
CA LEU A 355 -4.42 31.87 -0.76
C LEU A 355 -4.21 30.35 -0.70
N SER A 356 -5.27 29.58 -0.90
CA SER A 356 -5.19 28.11 -0.95
C SER A 356 -6.46 27.57 -1.58
N ASP A 357 -6.34 26.49 -2.37
CA ASP A 357 -7.49 25.83 -3.02
C ASP A 357 -8.39 26.79 -3.81
N SER A 358 -7.78 27.70 -4.57
N SER A 358 -7.80 27.72 -4.55
CA SER A 358 -8.55 28.71 -5.30
CA SER A 358 -8.59 28.68 -5.29
C SER A 358 -9.58 28.12 -6.28
C SER A 358 -9.63 28.02 -6.17
N ALA A 359 -9.19 27.04 -6.96
CA ALA A 359 -10.08 26.38 -7.92
C ALA A 359 -11.10 25.40 -7.33
N GLN A 360 -10.92 25.02 -6.07
CA GLN A 360 -11.80 24.04 -5.45
C GLN A 360 -12.92 24.62 -4.61
N GLN A 361 -12.73 25.84 -4.11
CA GLN A 361 -13.71 26.41 -3.22
C GLN A 361 -14.91 26.99 -3.96
N MET A 362 -16.09 26.76 -3.40
CA MET A 362 -17.30 27.31 -3.98
C MET A 362 -17.48 28.75 -3.59
N ASP A 363 -17.95 29.58 -4.52
CA ASP A 363 -18.26 30.97 -4.16
C ASP A 363 -19.66 30.98 -3.52
N ILE A 364 -20.15 32.15 -3.12
CA ILE A 364 -21.42 32.20 -2.40
C ILE A 364 -22.63 31.72 -3.23
N PRO A 365 -22.78 32.19 -4.48
CA PRO A 365 -23.88 31.68 -5.31
C PRO A 365 -23.76 30.17 -5.59
N GLU A 366 -22.56 29.66 -5.79
CA GLU A 366 -22.38 28.22 -5.99
C GLU A 366 -22.81 27.45 -4.73
N PHE A 367 -22.46 27.99 -3.57
CA PHE A 367 -22.82 27.37 -2.30
C PHE A 367 -24.35 27.33 -2.18
N GLU A 368 -25.04 28.37 -2.64
CA GLU A 368 -26.49 28.37 -2.59
C GLU A 368 -27.04 27.24 -3.45
N GLU A 369 -26.51 27.08 -4.66
CA GLU A 369 -27.00 26.01 -5.52
C GLU A 369 -26.70 24.64 -4.94
N PHE A 370 -25.50 24.49 -4.35
CA PHE A 370 -25.10 23.24 -3.74
C PHE A 370 -26.09 22.89 -2.61
N TRP A 371 -26.34 23.86 -1.73
CA TRP A 371 -27.23 23.62 -0.61
C TRP A 371 -28.66 23.32 -1.07
N ASN A 372 -29.17 24.06 -2.05
CA ASN A 372 -30.50 23.78 -2.57
C ASN A 372 -30.65 22.33 -3.09
N ALA A 373 -29.59 21.81 -3.71
CA ALA A 373 -29.57 20.42 -4.18
C ALA A 373 -29.59 19.44 -2.99
N ILE A 374 -28.82 19.73 -1.95
CA ILE A 374 -28.80 18.90 -0.76
C ILE A 374 -30.20 18.88 -0.15
N LEU A 375 -30.80 20.06 -0.02
CA LEU A 375 -32.15 20.16 0.52
C LEU A 375 -33.14 19.34 -0.31
N ALA A 376 -33.02 19.40 -1.62
CA ALA A 376 -33.93 18.68 -2.53
C ALA A 376 -33.71 17.17 -2.57
N SER A 377 -32.57 16.69 -2.10
CA SER A 377 -32.24 15.27 -2.20
C SER A 377 -32.95 14.33 -1.24
N ASN A 378 -33.49 14.85 -0.14
CA ASN A 378 -34.12 14.00 0.86
C ASN A 378 -33.14 13.02 1.48
N LEU A 379 -31.83 13.32 1.37
CA LEU A 379 -30.82 12.46 1.97
C LEU A 379 -30.57 12.86 3.43
N VAL A 380 -31.05 14.05 3.79
CA VAL A 380 -30.96 14.54 5.17
C VAL A 380 -32.37 14.54 5.80
N PRO A 381 -32.63 13.66 6.78
CA PRO A 381 -33.94 13.58 7.45
C PRO A 381 -34.16 14.71 8.48
N LEU B 30 8.83 -12.64 44.65
CA LEU B 30 9.10 -12.69 43.18
C LEU B 30 9.86 -13.95 42.73
N GLU B 31 10.99 -14.24 43.38
CA GLU B 31 11.78 -15.42 43.03
C GLU B 31 10.88 -16.65 43.01
N GLU B 32 9.99 -16.70 43.99
CA GLU B 32 9.06 -17.80 44.15
C GLU B 32 8.14 -17.93 42.94
N LEU B 33 7.41 -16.87 42.62
CA LEU B 33 6.50 -16.88 41.46
C LEU B 33 7.23 -17.12 40.14
N ARG B 34 8.44 -16.57 40.03
CA ARG B 34 9.24 -16.75 38.82
C ARG B 34 9.68 -18.19 38.61
N THR B 35 10.08 -18.88 39.68
CA THR B 35 10.49 -20.27 39.56
C THR B 35 9.28 -21.15 39.21
N GLN B 36 8.09 -20.76 39.67
CA GLN B 36 6.87 -21.49 39.32
C GLN B 36 6.55 -21.27 37.84
N VAL B 37 6.69 -20.04 37.37
CA VAL B 37 6.47 -19.75 35.95
C VAL B 37 7.45 -20.57 35.12
N ASP B 38 8.71 -20.58 35.56
CA ASP B 38 9.76 -21.36 34.90
C ASP B 38 9.45 -22.86 34.87
N GLN B 39 8.82 -23.37 35.91
CA GLN B 39 8.45 -24.78 35.93
C GLN B 39 7.28 -25.01 34.99
N LEU B 40 6.33 -24.07 34.99
CA LEU B 40 5.19 -24.16 34.09
C LEU B 40 5.66 -24.12 32.63
N ASN B 41 6.71 -23.35 32.36
CA ASN B 41 7.28 -23.30 31.02
C ASN B 41 7.76 -24.69 30.58
N ILE B 42 8.47 -25.39 31.47
CA ILE B 42 8.98 -26.73 31.15
C ILE B 42 7.82 -27.70 30.95
N ASP B 43 6.80 -27.58 31.80
CA ASP B 43 5.63 -28.43 31.72
C ASP B 43 4.94 -28.31 30.35
N LEU B 44 4.88 -27.08 29.82
CA LEU B 44 4.31 -26.83 28.50
C LEU B 44 5.14 -27.47 27.39
N LEU B 45 6.46 -27.32 27.45
CA LEU B 45 7.34 -27.93 26.46
C LEU B 45 7.11 -29.45 26.40
N GLU B 46 7.14 -30.09 27.56
CA GLU B 46 6.97 -31.53 27.65
C GLU B 46 5.56 -31.96 27.19
N LEU B 47 4.57 -31.17 27.59
CA LEU B 47 3.19 -31.45 27.25
C LEU B 47 2.95 -31.26 25.75
N ILE B 48 3.55 -30.22 25.18
CA ILE B 48 3.41 -29.94 23.75
C ILE B 48 4.12 -30.97 22.88
N SER B 49 5.34 -31.32 23.28
CA SER B 49 6.13 -32.27 22.51
C SER B 49 5.52 -33.68 22.58
N LYS B 50 5.00 -34.05 23.74
CA LYS B 50 4.37 -35.36 23.89
C LYS B 50 3.18 -35.46 22.96
N ARG B 51 2.35 -34.41 22.96
CA ARG B 51 1.19 -34.38 22.09
C ARG B 51 1.63 -34.50 20.63
N ALA B 52 2.66 -33.73 20.26
CA ALA B 52 3.19 -33.74 18.90
C ALA B 52 3.58 -35.17 18.50
N ASN B 53 4.28 -35.86 19.39
CA ASN B 53 4.68 -37.26 19.15
C ASN B 53 3.47 -38.15 18.84
N LEU B 54 2.36 -37.92 19.54
CA LEU B 54 1.14 -38.70 19.32
C LEU B 54 0.46 -38.37 18.00
N VAL B 55 0.19 -37.08 17.78
CA VAL B 55 -0.45 -36.64 16.53
C VAL B 55 0.32 -37.17 15.32
N GLN B 56 1.64 -37.13 15.41
CA GLN B 56 2.53 -37.60 14.34
C GLN B 56 2.08 -38.95 13.75
N GLU B 77 -12.51 -27.61 14.04
CA GLU B 77 -12.95 -29.01 14.07
C GLU B 77 -12.55 -29.59 15.40
N MET B 78 -11.29 -29.35 15.77
CA MET B 78 -10.74 -29.79 17.05
C MET B 78 -10.70 -28.60 18.01
N LEU B 79 -10.75 -27.38 17.46
CA LEU B 79 -10.75 -26.14 18.24
C LEU B 79 -12.08 -25.94 18.94
N ASN B 80 -13.13 -26.52 18.37
CA ASN B 80 -14.48 -26.41 18.89
C ASN B 80 -14.60 -26.87 20.34
N THR B 81 -14.00 -28.03 20.64
CA THR B 81 -14.03 -28.60 21.98
C THR B 81 -13.08 -27.88 22.95
N ILE B 82 -11.95 -27.37 22.45
CA ILE B 82 -10.99 -26.64 23.28
C ILE B 82 -11.59 -25.38 23.89
N LEU B 83 -12.20 -24.56 23.04
CA LEU B 83 -12.83 -23.30 23.45
C LEU B 83 -13.96 -23.51 24.46
N ALA B 84 -14.63 -24.65 24.37
CA ALA B 84 -15.72 -24.97 25.28
C ALA B 84 -15.23 -25.07 26.72
N ALA B 85 -13.96 -25.45 26.90
CA ALA B 85 -13.37 -25.57 28.22
C ALA B 85 -12.68 -24.29 28.67
N ASN B 86 -12.60 -23.28 27.80
CA ASN B 86 -11.95 -22.01 28.15
C ASN B 86 -12.71 -21.29 29.27
N GLU B 87 -12.02 -20.98 30.35
CA GLU B 87 -12.64 -20.30 31.48
C GLU B 87 -11.80 -19.10 31.92
N GLY B 88 -11.01 -18.54 30.99
CA GLY B 88 -10.18 -17.39 31.28
C GLY B 88 -8.75 -17.78 31.60
N PRO B 89 -7.87 -16.78 31.75
CA PRO B 89 -8.15 -15.35 31.63
C PRO B 89 -8.19 -14.82 30.20
N PHE B 90 -7.79 -15.64 29.23
CA PHE B 90 -7.80 -15.21 27.83
C PHE B 90 -9.16 -15.39 27.21
N GLU B 91 -9.47 -14.50 26.26
CA GLU B 91 -10.71 -14.56 25.49
C GLU B 91 -10.58 -15.68 24.48
N ASP B 92 -11.71 -16.19 23.98
CA ASP B 92 -11.70 -17.31 23.03
C ASP B 92 -10.82 -17.07 21.80
N SER B 93 -10.84 -15.86 21.25
CA SER B 93 -10.03 -15.56 20.07
C SER B 93 -8.54 -15.79 20.30
N THR B 94 -8.03 -15.38 21.46
CA THR B 94 -6.61 -15.57 21.77
C THR B 94 -6.31 -17.06 21.96
N VAL B 95 -7.15 -17.73 22.75
CA VAL B 95 -6.99 -19.15 22.96
C VAL B 95 -6.91 -19.87 21.62
N GLN B 96 -7.83 -19.54 20.70
CA GLN B 96 -7.85 -20.18 19.39
C GLN B 96 -6.60 -19.89 18.56
N LYS B 97 -6.13 -18.65 18.59
CA LYS B 97 -4.93 -18.29 17.85
C LYS B 97 -3.70 -19.06 18.34
N LEU B 98 -3.65 -19.33 19.64
CA LEU B 98 -2.50 -20.06 20.21
C LEU B 98 -2.47 -21.53 19.81
N PHE B 99 -3.62 -22.19 19.81
CA PHE B 99 -3.67 -23.60 19.40
C PHE B 99 -3.40 -23.77 17.90
N LYS B 100 -3.82 -22.81 17.09
CA LYS B 100 -3.54 -22.88 15.65
C LYS B 100 -2.04 -22.82 15.38
N GLU B 101 -1.32 -22.05 16.19
CA GLU B 101 0.13 -21.98 16.07
C GLU B 101 0.74 -23.33 16.48
N ILE B 102 0.16 -23.92 17.52
CA ILE B 102 0.61 -25.22 18.02
C ILE B 102 0.36 -26.34 17.01
N PHE B 103 -0.77 -26.30 16.30
CA PHE B 103 -1.06 -27.32 15.32
C PHE B 103 -0.17 -27.14 14.09
N LYS B 104 0.05 -25.88 13.69
CA LYS B 104 0.89 -25.56 12.54
C LYS B 104 2.31 -26.08 12.73
N ALA B 105 2.84 -25.92 13.94
CA ALA B 105 4.18 -26.39 14.26
C ALA B 105 4.33 -27.86 13.85
N GLY B 106 3.31 -28.66 14.18
CA GLY B 106 3.28 -30.08 13.85
C GLY B 106 3.68 -30.43 12.43
N LEU B 107 3.39 -29.54 11.49
CA LEU B 107 3.75 -29.74 10.09
C LEU B 107 5.24 -29.45 9.81
N GLU B 108 6.08 -29.57 10.84
CA GLU B 108 7.51 -29.34 10.68
C GLU B 108 8.15 -30.57 10.03
N LEU B 109 8.29 -31.66 10.80
CA LEU B 109 8.83 -32.91 10.28
C LEU B 109 7.66 -33.86 10.03
N GLN B 110 6.72 -33.40 9.20
CA GLN B 110 5.53 -34.19 8.90
C GLN B 110 4.99 -33.88 7.51
N SER B 115 4.63 -31.79 -3.10
CA SER B 115 4.16 -32.27 -4.40
C SER B 115 3.26 -31.26 -5.13
N LYS B 116 2.69 -30.32 -4.39
CA LYS B 116 1.83 -29.29 -4.99
C LYS B 116 2.61 -28.01 -5.29
N ALA B 117 3.93 -28.12 -5.36
CA ALA B 117 4.80 -26.98 -5.63
C ALA B 117 4.61 -26.52 -7.07
N LEU B 118 4.64 -25.22 -7.30
CA LEU B 118 4.48 -24.71 -8.64
C LEU B 118 5.68 -25.13 -9.46
N LEU B 119 5.45 -25.41 -10.74
CA LEU B 119 6.52 -25.85 -11.62
C LEU B 119 7.63 -24.80 -11.75
N VAL B 120 7.27 -23.52 -11.68
CA VAL B 120 8.26 -22.47 -11.82
C VAL B 120 9.04 -22.22 -10.53
N SER B 121 8.62 -22.83 -9.43
CA SER B 121 9.27 -22.60 -8.14
C SER B 121 10.52 -23.45 -7.91
N ARG B 122 11.45 -22.92 -7.11
CA ARG B 122 12.64 -23.67 -6.72
C ARG B 122 12.28 -24.90 -5.90
N LYS B 123 11.12 -24.87 -5.26
CA LYS B 123 10.67 -26.04 -4.52
C LYS B 123 10.53 -27.23 -5.47
N ASN B 124 10.08 -26.96 -6.69
CA ASN B 124 9.94 -27.96 -7.73
C ASN B 124 11.30 -28.30 -8.34
N LYS B 125 12.06 -27.29 -8.72
CA LYS B 125 13.34 -27.52 -9.37
C LYS B 125 14.36 -26.55 -8.78
N LYS B 126 15.33 -27.10 -8.06
CA LYS B 126 16.33 -26.27 -7.38
C LYS B 126 17.30 -25.57 -8.33
N GLU B 127 17.66 -26.24 -9.41
CA GLU B 127 18.67 -25.71 -10.33
C GLU B 127 18.16 -24.58 -11.17
N ASP B 128 19.03 -23.62 -11.48
CA ASP B 128 18.67 -22.48 -12.32
C ASP B 128 18.27 -22.92 -13.72
N THR B 129 17.23 -22.31 -14.26
CA THR B 129 16.86 -22.54 -15.66
C THR B 129 17.76 -21.64 -16.54
N ILE B 130 18.39 -22.23 -17.55
CA ILE B 130 19.20 -21.47 -18.48
C ILE B 130 18.49 -21.50 -19.83
N VAL B 131 18.22 -20.33 -20.41
CA VAL B 131 17.54 -20.22 -21.69
C VAL B 131 18.56 -19.75 -22.71
N THR B 132 18.93 -20.61 -23.65
CA THR B 132 19.95 -20.25 -24.64
C THR B 132 19.32 -19.66 -25.87
N VAL B 133 19.76 -18.48 -26.25
CA VAL B 133 19.20 -17.77 -27.40
C VAL B 133 20.36 -17.29 -28.27
N LYS B 134 20.34 -17.66 -29.54
CA LYS B 134 21.38 -17.28 -30.48
C LYS B 134 22.74 -17.55 -29.85
N GLY B 135 22.85 -18.68 -29.15
CA GLY B 135 24.10 -19.05 -28.52
C GLY B 135 24.45 -18.50 -27.15
N LEU B 136 23.63 -17.59 -26.61
CA LEU B 136 23.86 -17.00 -25.28
C LEU B 136 23.02 -17.71 -24.24
N PRO B 137 23.64 -18.25 -23.18
CA PRO B 137 22.95 -18.96 -22.09
C PRO B 137 22.42 -18.04 -20.99
N ILE B 138 21.30 -17.37 -21.28
CA ILE B 138 20.65 -16.45 -20.33
C ILE B 138 20.26 -17.16 -19.04
N GLY B 139 20.78 -16.65 -17.92
CA GLY B 139 20.50 -17.24 -16.62
C GLY B 139 21.69 -18.01 -16.05
N ASN B 140 22.81 -18.03 -16.78
CA ASN B 140 23.97 -18.81 -16.34
C ASN B 140 24.90 -18.07 -15.40
N GLY B 141 24.58 -16.82 -15.08
CA GLY B 141 25.44 -16.04 -14.20
C GLY B 141 26.10 -14.85 -14.88
N GLU B 142 26.17 -14.90 -16.22
N GLU B 142 26.20 -14.89 -16.21
CA GLU B 142 26.72 -13.79 -17.01
CA GLU B 142 26.77 -13.77 -16.98
C GLU B 142 25.55 -12.98 -17.56
C GLU B 142 25.62 -12.97 -17.60
N PRO B 143 25.44 -11.71 -17.16
CA PRO B 143 24.29 -10.90 -17.64
C PRO B 143 24.27 -10.65 -19.15
N VAL B 144 23.08 -10.62 -19.72
CA VAL B 144 22.97 -10.31 -21.15
C VAL B 144 22.31 -8.94 -21.32
N PHE B 145 22.58 -8.29 -22.46
CA PHE B 145 22.01 -6.97 -22.76
C PHE B 145 21.17 -7.07 -24.02
N VAL B 146 19.95 -6.53 -23.97
CA VAL B 146 19.06 -6.56 -25.10
C VAL B 146 18.74 -5.11 -25.43
N PHE B 147 19.21 -4.67 -26.59
CA PHE B 147 18.93 -3.31 -27.06
C PHE B 147 18.08 -3.37 -28.32
N GLY B 148 17.48 -2.25 -28.68
CA GLY B 148 16.70 -2.18 -29.90
C GLY B 148 15.65 -1.11 -29.82
N PRO B 149 15.01 -0.80 -30.94
CA PRO B 149 14.02 0.26 -30.94
C PRO B 149 12.69 -0.17 -30.31
N CYS B 150 11.93 0.80 -29.81
CA CYS B 150 10.63 0.54 -29.22
C CYS B 150 9.71 -0.05 -30.29
N SER B 151 9.56 0.66 -31.41
CA SER B 151 8.73 0.20 -32.51
C SER B 151 9.57 -0.08 -33.75
N VAL B 152 9.20 -1.11 -34.50
CA VAL B 152 9.81 -1.32 -35.83
C VAL B 152 9.08 -0.37 -36.76
N GLU B 153 9.82 0.53 -37.41
CA GLU B 153 9.22 1.53 -38.26
C GLU B 153 9.60 1.29 -39.73
N SER B 154 10.81 0.78 -39.98
CA SER B 154 11.29 0.45 -41.33
C SER B 154 12.51 -0.45 -41.23
N TYR B 155 12.85 -1.10 -42.35
CA TYR B 155 14.05 -1.91 -42.39
C TYR B 155 15.30 -1.07 -42.11
N GLU B 156 15.43 0.09 -42.74
CA GLU B 156 16.62 0.92 -42.57
C GLU B 156 16.86 1.34 -41.12
N GLN B 157 15.77 1.66 -40.43
CA GLN B 157 15.80 2.05 -39.02
C GLN B 157 16.31 0.91 -38.15
N VAL B 158 15.69 -0.25 -38.27
CA VAL B 158 16.11 -1.40 -37.48
C VAL B 158 17.53 -1.83 -37.83
N ALA B 159 17.88 -1.82 -39.12
CA ALA B 159 19.22 -2.21 -39.54
C ALA B 159 20.29 -1.27 -38.96
N ALA B 160 19.99 0.02 -38.84
CA ALA B 160 20.95 0.96 -38.25
C ALA B 160 21.25 0.60 -36.80
N VAL B 161 20.22 0.20 -36.04
CA VAL B 161 20.44 -0.19 -34.66
C VAL B 161 21.19 -1.52 -34.60
N ALA B 162 20.78 -2.47 -35.44
CA ALA B 162 21.45 -3.78 -35.53
C ALA B 162 22.95 -3.65 -35.76
N GLU B 163 23.33 -2.74 -36.67
CA GLU B 163 24.72 -2.53 -36.98
C GLU B 163 25.49 -2.09 -35.74
N SER B 164 24.87 -1.20 -34.96
N SER B 164 24.86 -1.21 -34.94
CA SER B 164 25.50 -0.69 -33.75
CA SER B 164 25.48 -0.67 -33.73
C SER B 164 25.60 -1.77 -32.67
C SER B 164 25.55 -1.73 -32.63
N ILE B 165 24.60 -2.65 -32.63
CA ILE B 165 24.59 -3.74 -31.67
C ILE B 165 25.68 -4.75 -32.03
N LYS B 166 25.74 -5.12 -33.29
CA LYS B 166 26.74 -6.07 -33.74
C LYS B 166 28.16 -5.53 -33.52
N ALA B 167 28.34 -4.23 -33.75
CA ALA B 167 29.63 -3.59 -33.56
C ALA B 167 30.16 -3.78 -32.14
N LYS B 168 29.26 -3.93 -31.16
CA LYS B 168 29.69 -4.12 -29.78
C LYS B 168 29.90 -5.58 -29.41
N GLY B 169 29.69 -6.49 -30.37
CA GLY B 169 29.83 -7.92 -30.10
C GLY B 169 28.60 -8.49 -29.41
N LEU B 170 27.49 -7.76 -29.43
CA LEU B 170 26.25 -8.21 -28.79
C LEU B 170 25.46 -9.07 -29.77
N LYS B 171 24.54 -9.88 -29.26
CA LYS B 171 23.86 -10.88 -30.10
C LYS B 171 22.35 -10.86 -30.13
N LEU B 172 21.73 -9.96 -29.39
CA LEU B 172 20.28 -9.92 -29.34
C LEU B 172 19.77 -8.56 -29.74
N ILE B 173 18.55 -8.52 -30.27
CA ILE B 173 17.88 -7.27 -30.62
C ILE B 173 16.40 -7.37 -30.28
N ARG B 174 15.84 -6.29 -29.77
N ARG B 174 15.84 -6.30 -29.71
CA ARG B 174 14.42 -6.23 -29.45
CA ARG B 174 14.42 -6.22 -29.44
C ARG B 174 13.77 -5.18 -30.36
C ARG B 174 13.83 -5.28 -30.48
N GLY B 175 12.56 -5.45 -30.81
CA GLY B 175 11.85 -4.52 -31.69
C GLY B 175 10.37 -4.83 -31.71
N GLY B 176 9.52 -3.82 -31.55
CA GLY B 176 8.07 -4.06 -31.52
C GLY B 176 7.35 -3.94 -32.85
N ALA B 177 6.81 -5.07 -33.31
CA ALA B 177 6.02 -5.14 -34.53
C ALA B 177 4.55 -4.88 -34.19
N PHE B 178 4.17 -5.26 -32.97
CA PHE B 178 2.83 -5.04 -32.45
C PHE B 178 3.03 -4.20 -31.19
N LYS B 179 2.43 -3.02 -31.18
CA LYS B 179 2.58 -2.07 -30.08
C LYS B 179 1.26 -1.87 -29.38
N PRO B 180 1.18 -2.27 -28.10
CA PRO B 180 -0.04 -1.97 -27.35
C PRO B 180 -0.03 -0.49 -27.02
N ARG B 181 -1.08 0.24 -27.36
CA ARG B 181 -1.12 1.69 -27.08
C ARG B 181 -2.36 2.07 -26.31
N THR B 182 -2.20 3.00 -25.38
CA THR B 182 -3.30 3.53 -24.61
C THR B 182 -4.45 4.02 -25.49
N SER B 183 -4.08 4.73 -26.58
CA SER B 183 -5.04 5.27 -27.53
C SER B 183 -5.02 4.49 -28.86
N PRO B 184 -6.20 4.17 -29.40
CA PRO B 184 -6.27 3.47 -30.68
C PRO B 184 -5.77 4.30 -31.84
N TYR B 185 -5.58 5.61 -31.62
CA TYR B 185 -5.14 6.50 -32.70
C TYR B 185 -3.63 6.69 -32.75
N ASP B 186 -2.90 6.08 -31.83
CA ASP B 186 -1.44 6.11 -31.88
C ASP B 186 -0.96 4.88 -32.67
N PHE B 187 0.27 4.95 -33.19
CA PHE B 187 0.86 3.89 -34.03
C PHE B 187 0.77 2.53 -33.37
N GLN B 188 0.13 1.59 -34.06
CA GLN B 188 -0.16 0.25 -33.52
C GLN B 188 0.88 -0.81 -33.88
N GLY B 189 1.85 -0.44 -34.72
CA GLY B 189 2.85 -1.37 -35.18
C GLY B 189 2.57 -1.79 -36.60
N LEU B 190 3.62 -2.22 -37.30
CA LEU B 190 3.50 -2.68 -38.67
C LEU B 190 2.93 -4.11 -38.76
N GLY B 191 2.88 -4.81 -37.64
CA GLY B 191 2.33 -6.17 -37.61
C GLY B 191 3.22 -7.22 -38.26
N LEU B 192 2.61 -8.11 -39.02
CA LEU B 192 3.37 -9.17 -39.68
C LEU B 192 4.53 -8.61 -40.52
N GLU B 193 4.32 -7.47 -41.19
CA GLU B 193 5.40 -6.86 -41.99
C GLU B 193 6.59 -6.54 -41.08
N GLY B 194 6.31 -6.10 -39.86
CA GLY B 194 7.34 -5.77 -38.88
C GLY B 194 8.13 -7.02 -38.48
N LEU B 195 7.44 -8.14 -38.32
CA LEU B 195 8.12 -9.42 -37.97
C LEU B 195 9.02 -9.85 -39.12
N LYS B 196 8.56 -9.64 -40.35
CA LYS B 196 9.35 -10.01 -41.52
C LYS B 196 10.63 -9.16 -41.58
N ILE B 197 10.51 -7.89 -41.23
CA ILE B 197 11.67 -6.99 -41.19
C ILE B 197 12.66 -7.49 -40.15
N LEU B 198 12.15 -7.85 -38.98
CA LEU B 198 13.00 -8.32 -37.91
C LEU B 198 13.73 -9.59 -38.30
N LYS B 199 13.06 -10.50 -39.00
CA LYS B 199 13.71 -11.75 -39.42
C LYS B 199 14.79 -11.45 -40.48
N ARG B 200 14.52 -10.52 -41.41
CA ARG B 200 15.53 -10.13 -42.37
C ARG B 200 16.79 -9.60 -41.66
N VAL B 201 16.58 -8.71 -40.70
CA VAL B 201 17.69 -8.13 -39.95
C VAL B 201 18.43 -9.24 -39.17
N SER B 202 17.68 -10.16 -38.57
CA SER B 202 18.29 -11.29 -37.86
C SER B 202 19.19 -12.15 -38.77
N ASP B 203 18.73 -12.42 -39.99
CA ASP B 203 19.51 -13.21 -40.95
C ASP B 203 20.78 -12.41 -41.36
N GLU B 204 20.61 -11.12 -41.58
CA GLU B 204 21.70 -10.28 -42.07
C GLU B 204 22.79 -9.95 -41.02
N TYR B 205 22.38 -9.64 -39.80
CA TYR B 205 23.32 -9.22 -38.76
C TYR B 205 23.66 -10.29 -37.72
N GLY B 206 23.02 -11.45 -37.82
CA GLY B 206 23.28 -12.55 -36.89
C GLY B 206 22.79 -12.33 -35.47
N LEU B 207 21.71 -11.59 -35.30
CA LEU B 207 21.17 -11.31 -33.98
C LEU B 207 19.89 -12.09 -33.70
N GLY B 208 19.69 -12.49 -32.46
CA GLY B 208 18.48 -13.15 -32.04
C GLY B 208 17.42 -12.08 -31.79
N VAL B 209 16.21 -12.31 -32.27
CA VAL B 209 15.13 -11.34 -32.17
C VAL B 209 14.14 -11.61 -31.06
N ILE B 210 13.86 -10.57 -30.28
CA ILE B 210 12.83 -10.58 -29.25
C ILE B 210 11.73 -9.62 -29.69
N SER B 211 10.48 -10.09 -29.77
CA SER B 211 9.41 -9.21 -30.21
C SER B 211 8.09 -9.61 -29.57
N GLU B 212 7.26 -8.61 -29.29
CA GLU B 212 5.98 -8.81 -28.60
C GLU B 212 4.88 -9.37 -29.49
N ILE B 213 4.17 -10.37 -28.95
CA ILE B 213 3.04 -10.97 -29.61
C ILE B 213 1.83 -10.65 -28.72
N VAL B 214 0.75 -10.19 -29.33
CA VAL B 214 -0.40 -9.72 -28.57
C VAL B 214 -1.69 -10.54 -28.60
N THR B 215 -1.74 -11.61 -29.39
CA THR B 215 -2.95 -12.43 -29.43
C THR B 215 -2.60 -13.91 -29.68
N PRO B 216 -3.40 -14.85 -29.13
CA PRO B 216 -3.08 -16.29 -29.22
C PRO B 216 -2.79 -16.81 -30.63
N ALA B 217 -3.57 -16.36 -31.62
CA ALA B 217 -3.39 -16.81 -33.01
C ALA B 217 -2.02 -16.44 -33.58
N ASP B 218 -1.46 -15.33 -33.13
CA ASP B 218 -0.17 -14.87 -33.63
C ASP B 218 1.00 -15.63 -33.04
N ILE B 219 0.77 -16.43 -32.00
CA ILE B 219 1.88 -17.17 -31.40
C ILE B 219 2.50 -18.13 -32.43
N GLU B 220 1.65 -18.91 -33.08
CA GLU B 220 2.14 -19.85 -34.09
C GLU B 220 2.80 -19.14 -35.28
N VAL B 221 2.22 -18.02 -35.71
CA VAL B 221 2.79 -17.25 -36.81
C VAL B 221 4.19 -16.75 -36.49
N ALA B 222 4.36 -16.31 -35.24
CA ALA B 222 5.61 -15.70 -34.81
C ALA B 222 6.80 -16.66 -34.81
N LEU B 223 6.52 -17.95 -34.69
CA LEU B 223 7.60 -18.94 -34.57
C LEU B 223 8.64 -18.87 -35.70
N ASP B 224 8.20 -18.50 -36.90
CA ASP B 224 9.09 -18.42 -38.04
C ASP B 224 9.92 -17.13 -38.09
N TYR B 225 9.64 -16.18 -37.20
CA TYR B 225 10.28 -14.88 -37.27
C TYR B 225 11.09 -14.47 -36.04
N VAL B 226 10.71 -14.95 -34.86
CA VAL B 226 11.40 -14.50 -33.66
C VAL B 226 12.13 -15.64 -32.95
N ASP B 227 13.09 -15.24 -32.12
CA ASP B 227 13.86 -16.18 -31.30
C ASP B 227 13.30 -16.21 -29.88
N VAL B 228 12.63 -15.12 -29.49
CA VAL B 228 11.96 -15.03 -28.21
C VAL B 228 10.66 -14.30 -28.38
N ILE B 229 9.58 -14.88 -27.89
CA ILE B 229 8.30 -14.22 -27.91
C ILE B 229 8.13 -13.41 -26.62
N GLN B 230 7.82 -12.12 -26.76
CA GLN B 230 7.55 -11.29 -25.59
C GLN B 230 6.05 -11.14 -25.34
N ILE B 231 5.66 -11.26 -24.08
CA ILE B 231 4.30 -11.03 -23.62
C ILE B 231 4.38 -9.74 -22.80
N GLY B 232 3.67 -8.71 -23.25
CA GLY B 232 3.74 -7.39 -22.65
C GLY B 232 3.07 -7.24 -21.31
N ALA B 233 3.43 -6.18 -20.58
CA ALA B 233 2.85 -5.93 -19.27
C ALA B 233 1.31 -5.94 -19.28
N ARG B 234 0.71 -5.26 -20.25
CA ARG B 234 -0.76 -5.18 -20.32
C ARG B 234 -1.43 -6.54 -20.58
N ASN B 235 -0.66 -7.51 -21.08
CA ASN B 235 -1.15 -8.85 -21.34
C ASN B 235 -0.66 -9.91 -20.34
N MET B 236 -0.09 -9.48 -19.21
CA MET B 236 0.44 -10.48 -18.28
C MET B 236 -0.67 -11.40 -17.75
N GLN B 237 -1.91 -10.91 -17.73
CA GLN B 237 -3.05 -11.72 -17.30
C GLN B 237 -4.06 -12.01 -18.44
N ASN B 238 -3.52 -12.01 -19.66
CA ASN B 238 -4.26 -12.44 -20.86
C ASN B 238 -4.00 -13.93 -20.82
N PHE B 239 -4.82 -14.65 -20.05
CA PHE B 239 -4.54 -16.06 -19.78
C PHE B 239 -4.53 -16.97 -20.99
N GLU B 240 -5.37 -16.71 -21.96
CA GLU B 240 -5.38 -17.53 -23.17
C GLU B 240 -4.11 -17.30 -24.00
N LEU B 241 -3.57 -16.09 -23.95
CA LEU B 241 -2.30 -15.82 -24.64
C LEU B 241 -1.18 -16.60 -23.93
N LEU B 242 -1.18 -16.56 -22.59
CA LEU B 242 -0.17 -17.30 -21.82
C LEU B 242 -0.25 -18.80 -22.13
N LYS B 243 -1.45 -19.36 -22.16
CA LYS B 243 -1.56 -20.80 -22.48
C LYS B 243 -1.04 -21.09 -23.90
N ALA B 244 -1.34 -20.22 -24.86
CA ALA B 244 -0.85 -20.39 -26.24
C ALA B 244 0.71 -20.38 -26.28
N ALA B 245 1.31 -19.48 -25.51
CA ALA B 245 2.78 -19.37 -25.40
C ALA B 245 3.34 -20.63 -24.73
N GLY B 246 2.57 -21.22 -23.83
CA GLY B 246 2.99 -22.43 -23.15
C GLY B 246 2.95 -23.70 -23.99
N ARG B 247 2.25 -23.65 -25.13
CA ARG B 247 2.13 -24.80 -26.01
C ARG B 247 3.15 -24.88 -27.16
N VAL B 248 4.03 -23.92 -27.26
CA VAL B 248 5.04 -23.93 -28.31
C VAL B 248 6.41 -24.07 -27.69
N ASP B 249 7.36 -24.48 -28.52
CA ASP B 249 8.73 -24.67 -28.14
C ASP B 249 9.49 -23.44 -28.57
N LYS B 250 9.44 -22.41 -27.73
CA LYS B 250 10.08 -21.13 -28.02
C LYS B 250 10.18 -20.38 -26.69
N PRO B 251 11.33 -19.72 -26.44
CA PRO B 251 11.48 -18.95 -25.21
C PRO B 251 10.47 -17.83 -25.16
N ILE B 252 9.97 -17.55 -23.95
CA ILE B 252 9.01 -16.48 -23.74
C ILE B 252 9.62 -15.51 -22.74
N LEU B 253 9.54 -14.21 -23.05
CA LEU B 253 9.97 -13.15 -22.14
C LEU B 253 8.67 -12.54 -21.59
N LEU B 254 8.39 -12.82 -20.32
CA LEU B 254 7.16 -12.39 -19.69
C LEU B 254 7.41 -11.13 -18.86
N LYS B 255 6.78 -10.03 -19.27
CA LYS B 255 6.87 -8.76 -18.54
C LYS B 255 5.85 -8.69 -17.38
N ARG B 256 6.29 -8.20 -16.22
CA ARG B 256 5.39 -8.00 -15.09
C ARG B 256 4.27 -7.01 -15.45
N GLY B 257 3.05 -7.30 -15.02
CA GLY B 257 1.91 -6.41 -15.28
C GLY B 257 2.06 -5.07 -14.59
N LEU B 258 1.32 -4.07 -15.08
CA LEU B 258 1.44 -2.69 -14.58
C LEU B 258 1.36 -2.61 -13.08
N SER B 259 0.44 -3.37 -12.48
N SER B 259 0.44 -3.37 -12.49
CA SER B 259 0.30 -3.42 -11.03
CA SER B 259 0.29 -3.41 -11.04
C SER B 259 0.24 -4.85 -10.52
C SER B 259 0.24 -4.85 -10.53
N ALA B 260 0.95 -5.75 -11.20
CA ALA B 260 0.97 -7.15 -10.77
C ALA B 260 1.74 -7.34 -9.48
N THR B 261 1.22 -8.19 -8.60
CA THR B 261 1.95 -8.57 -7.41
C THR B 261 2.97 -9.64 -7.82
N ILE B 262 3.98 -9.86 -6.98
CA ILE B 262 4.93 -10.95 -7.22
C ILE B 262 4.18 -12.28 -7.40
N GLU B 263 3.22 -12.57 -6.50
CA GLU B 263 2.41 -13.81 -6.57
C GLU B 263 1.73 -13.96 -7.93
N GLU B 264 1.14 -12.88 -8.42
CA GLU B 264 0.46 -12.88 -9.71
C GLU B 264 1.40 -13.09 -10.87
N PHE B 265 2.61 -12.52 -10.77
CA PHE B 265 3.62 -12.65 -11.82
C PHE B 265 4.08 -14.12 -11.90
N ILE B 266 4.31 -14.71 -10.74
CA ILE B 266 4.69 -16.12 -10.63
C ILE B 266 3.55 -17.01 -11.19
N GLY B 267 2.31 -16.70 -10.84
CA GLY B 267 1.14 -17.43 -11.33
C GLY B 267 1.03 -17.38 -12.85
N ALA B 268 1.32 -16.22 -13.43
CA ALA B 268 1.29 -16.04 -14.88
C ALA B 268 2.35 -16.90 -15.54
N ALA B 269 3.53 -16.97 -14.94
CA ALA B 269 4.60 -17.81 -15.47
C ALA B 269 4.14 -19.27 -15.39
N GLU B 270 3.44 -19.62 -14.31
CA GLU B 270 2.93 -20.98 -14.15
C GLU B 270 1.90 -21.38 -15.25
N TYR B 271 1.08 -20.45 -15.69
CA TYR B 271 0.18 -20.73 -16.81
C TYR B 271 0.97 -21.22 -18.00
N ILE B 272 2.10 -20.58 -18.26
CA ILE B 272 2.93 -20.93 -19.38
C ILE B 272 3.58 -22.29 -19.18
N MET B 273 4.25 -22.47 -18.06
CA MET B 273 4.95 -23.72 -17.81
C MET B 273 4.00 -24.92 -17.65
N SER B 274 2.80 -24.70 -17.12
CA SER B 274 1.83 -25.81 -16.98
C SER B 274 1.40 -26.40 -18.33
N GLN B 275 1.59 -25.66 -19.43
CA GLN B 275 1.26 -26.19 -20.76
C GLN B 275 2.42 -26.95 -21.38
N GLY B 276 3.61 -26.88 -20.77
CA GLY B 276 4.76 -27.63 -21.26
C GLY B 276 6.02 -26.80 -21.51
N ASN B 277 5.87 -25.49 -21.67
CA ASN B 277 7.02 -24.64 -21.99
C ASN B 277 7.71 -24.03 -20.76
N GLY B 278 8.89 -24.54 -20.42
CA GLY B 278 9.65 -24.03 -19.29
C GLY B 278 10.73 -23.00 -19.61
N LYS B 279 10.83 -22.59 -20.88
CA LYS B 279 11.83 -21.59 -21.29
C LYS B 279 11.24 -20.21 -21.11
N ILE B 280 11.20 -19.75 -19.87
CA ILE B 280 10.56 -18.49 -19.54
C ILE B 280 11.57 -17.57 -18.89
N ILE B 281 11.63 -16.33 -19.38
CA ILE B 281 12.48 -15.30 -18.83
C ILE B 281 11.55 -14.24 -18.27
N LEU B 282 11.68 -13.92 -16.98
CA LEU B 282 10.85 -12.92 -16.35
C LEU B 282 11.47 -11.54 -16.53
N CYS B 283 10.63 -10.51 -16.68
CA CYS B 283 11.17 -9.17 -16.87
C CYS B 283 10.47 -8.14 -15.98
N GLU B 284 11.25 -7.56 -15.07
CA GLU B 284 10.79 -6.48 -14.22
C GLU B 284 10.89 -5.20 -15.05
N ARG B 285 9.79 -4.46 -15.10
CA ARG B 285 9.73 -3.26 -15.92
C ARG B 285 9.04 -2.08 -15.20
N GLY B 286 9.09 -2.10 -13.87
CA GLY B 286 8.50 -1.04 -13.05
C GLY B 286 7.05 -1.31 -12.73
N ILE B 287 6.58 -0.73 -11.61
CA ILE B 287 5.19 -0.91 -11.18
C ILE B 287 4.54 0.45 -11.05
N ARG B 288 3.21 0.47 -11.14
CA ARG B 288 2.47 1.72 -11.12
C ARG B 288 2.31 2.18 -9.67
N THR B 289 2.66 3.44 -9.43
CA THR B 289 2.55 4.03 -8.10
C THR B 289 2.06 5.47 -8.25
N TYR B 290 1.93 6.16 -7.13
CA TYR B 290 1.53 7.56 -7.11
C TYR B 290 2.64 8.50 -7.62
N GLU B 291 3.88 8.03 -7.72
CA GLU B 291 5.00 8.93 -8.06
C GLU B 291 4.99 9.41 -9.52
N LYS B 292 5.07 10.72 -9.69
CA LYS B 292 5.01 11.32 -11.03
C LYS B 292 6.38 11.66 -11.62
N ALA B 293 7.45 11.60 -10.81
CA ALA B 293 8.81 11.92 -11.30
C ALA B 293 9.33 10.90 -12.32
N THR B 294 8.71 9.72 -12.30
CA THR B 294 9.05 8.61 -13.15
C THR B 294 7.76 8.07 -13.74
N ARG B 295 7.85 7.38 -14.88
CA ARG B 295 6.68 6.79 -15.51
C ARG B 295 6.07 5.72 -14.62
N ASN B 296 6.95 4.83 -14.14
CA ASN B 296 6.65 3.76 -13.22
C ASN B 296 7.75 3.75 -12.15
N THR B 297 7.56 2.95 -11.11
CA THR B 297 8.57 2.85 -10.08
C THR B 297 9.30 1.53 -10.27
N LEU B 298 10.58 1.59 -10.66
CA LEU B 298 11.36 0.38 -10.84
C LEU B 298 11.41 -0.28 -9.47
N ASP B 299 10.99 -1.54 -9.39
CA ASP B 299 10.96 -2.30 -8.16
C ASP B 299 12.14 -3.26 -8.18
N ILE B 300 13.31 -2.75 -7.81
CA ILE B 300 14.56 -3.52 -7.87
C ILE B 300 14.53 -4.76 -6.99
N SER B 301 13.75 -4.70 -5.90
N SER B 301 13.79 -4.70 -5.90
CA SER B 301 13.64 -5.82 -4.96
CA SER B 301 13.68 -5.82 -4.97
C SER B 301 13.01 -7.05 -5.61
C SER B 301 13.01 -7.05 -5.61
N ALA B 302 12.26 -6.86 -6.69
CA ALA B 302 11.65 -7.99 -7.38
C ALA B 302 12.72 -8.97 -7.89
N VAL B 303 13.91 -8.48 -8.24
CA VAL B 303 14.94 -9.38 -8.77
C VAL B 303 15.37 -10.45 -7.78
N PRO B 304 15.88 -10.07 -6.60
CA PRO B 304 16.28 -11.11 -5.67
C PRO B 304 15.08 -11.93 -5.15
N ILE B 305 13.91 -11.31 -5.04
CA ILE B 305 12.73 -12.06 -4.61
C ILE B 305 12.40 -13.18 -5.60
N LEU B 306 12.36 -12.83 -6.88
CA LEU B 306 12.06 -13.79 -7.94
C LEU B 306 13.17 -14.82 -8.12
N LYS B 307 14.42 -14.41 -7.94
CA LYS B 307 15.53 -15.35 -8.06
C LYS B 307 15.56 -16.37 -6.92
N LYS B 308 14.98 -16.01 -5.78
CA LYS B 308 14.89 -16.90 -4.65
C LYS B 308 13.67 -17.84 -4.81
N GLU B 309 12.52 -17.28 -5.17
CA GLU B 309 11.27 -18.06 -5.28
C GLU B 309 11.18 -18.98 -6.51
N THR B 310 11.70 -18.52 -7.64
CA THR B 310 11.65 -19.28 -8.88
C THR B 310 13.05 -19.64 -9.40
N HIS B 311 13.10 -20.55 -10.35
CA HIS B 311 14.36 -20.93 -10.97
C HIS B 311 14.53 -20.25 -12.32
N LEU B 312 13.67 -19.29 -12.63
CA LEU B 312 13.65 -18.62 -13.93
C LEU B 312 14.56 -17.42 -13.95
N PRO B 313 15.23 -17.17 -15.08
CA PRO B 313 16.05 -15.98 -15.18
C PRO B 313 15.20 -14.70 -15.11
N VAL B 314 15.83 -13.62 -14.67
CA VAL B 314 15.14 -12.35 -14.44
C VAL B 314 15.90 -11.18 -15.03
N MET B 315 15.24 -10.48 -15.94
CA MET B 315 15.82 -9.31 -16.56
C MET B 315 15.12 -8.04 -16.05
N VAL B 316 15.76 -6.91 -16.30
CA VAL B 316 15.22 -5.61 -15.93
C VAL B 316 15.21 -4.71 -17.15
N ASP B 317 14.03 -4.15 -17.44
CA ASP B 317 13.87 -3.20 -18.53
C ASP B 317 13.97 -1.82 -17.91
N VAL B 318 15.09 -1.14 -18.18
CA VAL B 318 15.35 0.16 -17.58
C VAL B 318 14.66 1.34 -18.30
N THR B 319 14.23 1.14 -19.53
CA THR B 319 13.59 2.22 -20.28
C THR B 319 12.13 2.36 -19.89
N HIS B 320 11.38 1.26 -19.91
CA HIS B 320 9.97 1.32 -19.60
C HIS B 320 9.64 1.50 -18.14
N SER B 321 10.56 1.15 -17.26
CA SER B 321 10.31 1.36 -15.85
C SER B 321 10.36 2.87 -15.54
N THR B 322 11.54 3.48 -15.70
CA THR B 322 11.72 4.87 -15.35
C THR B 322 11.11 5.89 -16.31
N GLY B 323 11.11 5.58 -17.62
CA GLY B 323 10.60 6.50 -18.62
C GLY B 323 11.48 7.73 -18.77
N ARG B 324 12.73 7.62 -18.32
CA ARG B 324 13.65 8.75 -18.30
C ARG B 324 15.01 8.37 -18.80
N LYS B 325 15.44 9.05 -19.85
CA LYS B 325 16.72 8.78 -20.43
C LYS B 325 17.84 8.99 -19.42
N ASP B 326 17.69 10.01 -18.56
CA ASP B 326 18.75 10.34 -17.59
C ASP B 326 18.95 9.29 -16.48
N LEU B 327 18.03 8.35 -16.36
CA LEU B 327 18.13 7.31 -15.34
C LEU B 327 18.50 5.92 -15.88
N LEU B 328 18.68 5.80 -17.18
CA LEU B 328 18.95 4.48 -17.76
C LEU B 328 20.23 3.88 -17.22
N LEU B 329 21.32 4.66 -17.24
CA LEU B 329 22.61 4.14 -16.80
C LEU B 329 22.63 3.78 -15.31
N PRO B 330 22.23 4.72 -14.44
CA PRO B 330 22.18 4.37 -13.01
C PRO B 330 21.34 3.12 -12.71
N CYS B 331 20.15 3.01 -13.28
CA CYS B 331 19.29 1.84 -13.05
C CYS B 331 19.91 0.57 -13.62
N ALA B 332 20.62 0.68 -14.74
CA ALA B 332 21.27 -0.50 -15.31
C ALA B 332 22.38 -0.97 -14.35
N LYS B 333 23.12 -0.03 -13.77
CA LYS B 333 24.15 -0.38 -12.78
C LYS B 333 23.52 -1.05 -11.54
N ALA B 334 22.40 -0.53 -11.07
CA ALA B 334 21.72 -1.16 -9.93
C ALA B 334 21.29 -2.59 -10.28
N ALA B 335 20.70 -2.77 -11.46
CA ALA B 335 20.25 -4.09 -11.90
C ALA B 335 21.41 -5.08 -12.01
N LEU B 336 22.55 -4.65 -12.57
CA LEU B 336 23.69 -5.54 -12.66
C LEU B 336 24.21 -5.90 -11.26
N ALA B 337 24.27 -4.93 -10.37
CA ALA B 337 24.80 -5.20 -9.03
C ALA B 337 23.89 -6.12 -8.17
N ILE B 338 22.59 -6.08 -8.43
CA ILE B 338 21.65 -6.91 -7.68
C ILE B 338 21.54 -8.29 -8.35
N GLU B 339 22.38 -8.51 -9.35
CA GLU B 339 22.49 -9.79 -10.02
C GLU B 339 21.38 -10.18 -10.98
N ALA B 340 20.80 -9.19 -11.66
CA ALA B 340 19.81 -9.50 -12.67
C ALA B 340 20.55 -10.30 -13.77
N ASP B 341 19.80 -11.15 -14.45
CA ASP B 341 20.34 -11.95 -15.56
C ASP B 341 20.50 -11.16 -16.86
N GLY B 342 19.92 -9.97 -16.90
CA GLY B 342 20.05 -9.13 -18.07
C GLY B 342 19.38 -7.79 -17.87
N VAL B 343 19.72 -6.87 -18.78
CA VAL B 343 19.19 -5.54 -18.82
C VAL B 343 18.68 -5.26 -20.24
N MET B 344 17.55 -4.57 -20.35
N MET B 344 17.54 -4.58 -20.33
CA MET B 344 17.00 -4.21 -21.62
CA MET B 344 16.96 -4.21 -21.61
C MET B 344 16.84 -2.69 -21.67
C MET B 344 16.81 -2.69 -21.68
N ALA B 345 17.18 -2.10 -22.82
CA ALA B 345 17.07 -0.67 -23.02
C ALA B 345 16.84 -0.36 -24.50
N GLU B 346 16.19 0.75 -24.76
CA GLU B 346 15.84 1.11 -26.12
C GLU B 346 16.80 2.08 -26.80
N VAL B 347 17.01 1.80 -28.08
CA VAL B 347 17.94 2.53 -28.93
C VAL B 347 17.24 2.75 -30.29
N HIS B 348 17.32 3.97 -30.81
CA HIS B 348 16.67 4.35 -32.05
C HIS B 348 17.59 5.30 -32.79
N PRO B 349 17.70 5.18 -34.12
CA PRO B 349 18.61 6.07 -34.83
C PRO B 349 18.19 7.54 -34.85
N ASP B 350 16.91 7.83 -34.63
CA ASP B 350 16.44 9.22 -34.65
C ASP B 350 15.23 9.34 -33.72
N PRO B 351 15.47 9.31 -32.40
CA PRO B 351 14.36 9.29 -31.43
C PRO B 351 13.35 10.42 -31.57
N ALA B 352 13.79 11.59 -31.98
CA ALA B 352 12.91 12.75 -32.10
C ALA B 352 11.71 12.49 -33.01
N VAL B 353 11.89 11.63 -33.99
CA VAL B 353 10.81 11.32 -34.93
C VAL B 353 10.18 9.91 -34.71
N ALA B 354 10.59 9.24 -33.64
CA ALA B 354 10.07 7.89 -33.33
C ALA B 354 8.55 7.90 -33.10
N LEU B 355 7.91 6.78 -33.42
CA LEU B 355 6.46 6.66 -33.32
C LEU B 355 5.99 6.17 -31.94
N SER B 356 6.95 5.95 -31.03
CA SER B 356 6.65 5.56 -29.66
C SER B 356 7.89 5.87 -28.82
N ASP B 357 7.69 6.25 -27.55
CA ASP B 357 8.80 6.56 -26.63
C ASP B 357 9.90 7.47 -27.22
N SER B 358 9.50 8.56 -27.87
N SER B 358 9.51 8.54 -27.90
CA SER B 358 10.44 9.48 -28.52
CA SER B 358 10.50 9.43 -28.49
C SER B 358 11.48 10.12 -27.58
C SER B 358 11.53 9.92 -27.48
N ALA B 359 11.08 10.46 -26.35
CA ALA B 359 12.01 11.07 -25.39
C ALA B 359 12.82 10.07 -24.56
N GLN B 360 12.47 8.79 -24.64
CA GLN B 360 13.11 7.77 -23.81
C GLN B 360 14.19 6.98 -24.50
N GLN B 361 14.18 6.96 -25.82
CA GLN B 361 15.11 6.13 -26.53
C GLN B 361 16.46 6.81 -26.76
N MET B 362 17.52 6.04 -26.61
CA MET B 362 18.86 6.56 -26.85
C MET B 362 19.13 6.60 -28.35
N ASP B 363 19.78 7.65 -28.83
CA ASP B 363 20.20 7.64 -30.24
C ASP B 363 21.50 6.83 -30.31
N ILE B 364 22.06 6.65 -31.50
CA ILE B 364 23.26 5.82 -31.64
C ILE B 364 24.49 6.36 -30.88
N PRO B 365 24.82 7.66 -31.00
CA PRO B 365 25.93 8.20 -30.19
C PRO B 365 25.69 8.06 -28.67
N GLU B 366 24.46 8.23 -28.22
CA GLU B 366 24.15 8.06 -26.80
C GLU B 366 24.35 6.60 -26.35
N PHE B 367 24.00 5.67 -27.23
CA PHE B 367 24.14 4.23 -27.00
C PHE B 367 25.63 3.87 -26.84
N GLU B 368 26.48 4.50 -27.64
CA GLU B 368 27.91 4.28 -27.53
C GLU B 368 28.41 4.75 -26.15
N GLU B 369 27.99 5.93 -25.70
CA GLU B 369 28.41 6.42 -24.39
C GLU B 369 27.90 5.53 -23.26
N PHE B 370 26.65 5.10 -23.38
CA PHE B 370 26.04 4.20 -22.40
C PHE B 370 26.87 2.92 -22.33
N TRP B 371 27.15 2.32 -23.48
CA TRP B 371 27.88 1.05 -23.49
C TRP B 371 29.29 1.20 -22.94
N ASN B 372 29.99 2.26 -23.32
CA ASN B 372 31.31 2.49 -22.79
C ASN B 372 31.30 2.61 -21.26
N ALA B 373 30.23 3.16 -20.71
CA ALA B 373 30.12 3.30 -19.27
C ALA B 373 29.90 1.94 -18.61
N ILE B 374 29.14 1.06 -19.27
CA ILE B 374 28.92 -0.29 -18.74
C ILE B 374 30.24 -1.06 -18.72
N LEU B 375 30.99 -0.98 -19.82
CA LEU B 375 32.29 -1.65 -19.91
C LEU B 375 33.28 -1.12 -18.87
N ALA B 376 33.21 0.17 -18.55
CA ALA B 376 34.12 0.77 -17.57
C ALA B 376 33.72 0.51 -16.11
N SER B 377 32.46 0.14 -15.89
CA SER B 377 31.95 -0.09 -14.53
C SER B 377 32.47 -1.36 -13.85
N ASN B 378 32.93 -2.32 -14.64
CA ASN B 378 33.39 -3.60 -14.10
C ASN B 378 32.28 -4.36 -13.39
N LEU B 379 31.04 -4.03 -13.71
CA LEU B 379 29.88 -4.68 -13.11
C LEU B 379 29.49 -5.97 -13.86
N VAL B 380 30.11 -6.27 -15.00
CA VAL B 380 29.76 -7.48 -15.73
C VAL B 380 30.55 -8.71 -15.24
MN MN C . -8.98 23.54 1.17
MN MN C . -8.60 23.44 2.49
C ACT D . -8.17 21.55 5.79
O ACT D . -8.67 20.42 5.82
OXT ACT D . -8.65 22.37 6.59
CH3 ACT D . -7.06 21.91 4.84
MN MN E . 9.61 1.75 -25.55
MN MN E . 9.27 0.49 -25.90
C ACT F . 1.60 4.23 -25.14
O ACT F . 1.86 3.21 -24.44
OXT ACT F . 0.44 4.28 -25.61
CH3 ACT F . 2.61 5.31 -25.41
#